data_8T70
#
_entry.id   8T70
#
_cell.length_a   140.768
_cell.length_b   140.768
_cell.length_c   129.503
_cell.angle_alpha   90.00
_cell.angle_beta   90.00
_cell.angle_gamma   90.00
#
_symmetry.space_group_name_H-M   'P 43 21 2'
#
loop_
_entity.id
_entity.type
_entity.pdbx_description
1 polymer 'Protein farnesyltransferase/geranylgeranyltransferase type-1 subunit alpha'
2 polymer 'Protein farnesyltransferase subunit beta'
3 polymer MET-ILE-ILE-MET
4 non-polymer 1,2-ETHANEDIOL
5 non-polymer 'ZINC ION'
6 non-polymer '(2R)-3-(cyclohexylamino)-2-hydroxypropane-1-sulfonic acid'
7 non-polymer '[(3,7,11-TRIMETHYL-DODECA-2,6,10-TRIENYLOXYCARBAMOYL)-METHYL]-PHOSPHONIC ACID'
8 non-polymer benzenethiol
9 water water
#
loop_
_entity_poly.entity_id
_entity_poly.type
_entity_poly.pdbx_seq_one_letter_code
_entity_poly.pdbx_strand_id
1 'polypeptide(L)'
;MGSSHHHHHHSQDLMVTSTYIPMSQRRSWADVKPIMQDDGPNPVVPIMYSEEYKDAMDYFRAIAAKEEKSERALELTEII
VRMNPAHYTVWQYRFSLLTSLNKSLEDELRLMNEFAVQNLKSYQVWHHRLLLLDRISPQDPVSEIEYIHGSLLPDPKNYH
TWAYLHWLYSHFSTLGRISEAQWGSELDWCNEMLRVDGRNNSAWGWRWYLRVSRPGAETSSRSLQDELIYILKSIHLIPH
NVSAWNYLRGFLKHFSLPLVPILPAILPYTASKLNPDIETVEAFGFPMPSDPLPEDTPLPVPLALEYLADSFIEQNRVDD
AAKVFEKLSSEYDQMRAGYWEFRRRECAE
;
A
2 'polypeptide(L)'
;MATEFTPSVYSLVSKPLPSNSRPSATLDEQAETEDLISQLFDLTADPNALVSEHGKRYSGLRKQEHTQFLASSFFQLPGK
FVSLDASRPWLVFWTVHSLDLLGVALDQGTKDRVVSTLLHFLSPKGGFGGGPANSQIPHLLPTYASVCSLAIAGNDSSTG
GWKDLAAARQSIYEFFMRCKRPDGGFVVCEGGEVDVRGTYCLLVVATLLDIITPELLHNVDKFVSACQTYEGGFACASFP
FPSVVPSTSAFPTSEPSCRVSMAEAHGGYTSCSLNSHFLLTSVPLPSFPLSIDANAALRWTVLQQGEPIEGGGFRGRTNK
LVDGCYSWWVGGGAPVAEELVRREKSRKVKKSRIEVFEEEKEGDWEDVPPIPPIFNRVALQEFTLVAAQQDPGSTGGLRD
KPGKRPDQYHTCNNLSGLSIAQHKMSHSPSTVSSNRLKFDASKGLPAVKPVAPGGGWKNEDERQNARREIWANALGWIEE
EGGEIIVGGKDNRINTTTPVFNILGLRLKPFINYFYCQEN
;
B
3 'polypeptide(L)' TKCMIIM P
#
# COMPACT_ATOMS: atom_id res chain seq x y z
N THR A 19 26.23 -0.33 -34.87
CA THR A 19 25.41 0.82 -34.50
C THR A 19 23.93 0.55 -34.79
N TYR A 20 23.07 1.44 -34.31
CA TYR A 20 21.63 1.23 -34.39
C TYR A 20 21.10 1.51 -35.79
N ILE A 21 20.18 0.65 -36.23
CA ILE A 21 19.52 0.78 -37.53
C ILE A 21 18.08 1.25 -37.27
N PRO A 22 17.72 2.47 -37.64
CA PRO A 22 16.33 2.92 -37.46
C PRO A 22 15.34 1.98 -38.14
N MET A 23 14.13 1.93 -37.59
CA MET A 23 13.11 1.05 -38.13
C MET A 23 12.54 1.56 -39.44
N SER A 24 12.64 2.87 -39.71
CA SER A 24 12.30 3.38 -41.02
C SER A 24 13.23 2.86 -42.10
N GLN A 25 14.39 2.34 -41.71
CA GLN A 25 15.34 1.75 -42.65
C GLN A 25 15.24 0.24 -42.72
N ARG A 26 14.27 -0.37 -42.05
CA ARG A 26 14.14 -1.82 -42.02
C ARG A 26 13.12 -2.26 -43.05
N ARG A 27 13.50 -3.25 -43.86
CA ARG A 27 12.63 -3.71 -44.93
C ARG A 27 11.36 -4.32 -44.37
N SER A 28 11.46 -5.04 -43.25
CA SER A 28 10.30 -5.67 -42.63
C SER A 28 9.26 -4.65 -42.17
N TRP A 29 9.66 -3.39 -42.02
CA TRP A 29 8.80 -2.34 -41.47
C TRP A 29 8.49 -1.24 -42.47
N ALA A 30 8.93 -1.39 -43.72
CA ALA A 30 8.88 -0.28 -44.67
C ALA A 30 7.46 0.21 -44.93
N ASP A 31 6.45 -0.62 -44.69
CA ASP A 31 5.06 -0.26 -44.98
C ASP A 31 4.38 0.48 -43.83
N VAL A 32 5.04 0.62 -42.69
CA VAL A 32 4.41 1.18 -41.49
C VAL A 32 4.84 2.63 -41.36
N LYS A 33 3.87 3.53 -41.23
CA LYS A 33 4.14 4.93 -40.92
C LYS A 33 4.12 5.11 -39.41
N PRO A 34 5.25 5.39 -38.75
CA PRO A 34 5.24 5.57 -37.30
C PRO A 34 4.36 6.73 -36.88
N ILE A 35 3.88 6.66 -35.64
CA ILE A 35 3.03 7.68 -35.04
C ILE A 35 3.78 8.25 -33.84
N MET A 36 3.91 9.58 -33.80
CA MET A 36 4.64 10.23 -32.72
C MET A 36 3.82 10.26 -31.44
N GLN A 37 4.52 10.28 -30.31
CA GLN A 37 3.86 10.43 -29.02
C GLN A 37 3.11 11.75 -28.92
N ASP A 38 1.85 11.69 -28.48
CA ASP A 38 0.98 12.86 -28.47
C ASP A 38 0.94 13.50 -27.09
N ASP A 39 2.06 14.14 -26.76
CA ASP A 39 2.29 14.78 -25.48
C ASP A 39 1.60 16.13 -25.34
N GLY A 40 1.26 16.78 -26.43
CA GLY A 40 0.85 18.16 -26.35
C GLY A 40 2.05 19.09 -26.40
N PRO A 41 1.81 20.40 -26.35
CA PRO A 41 2.89 21.35 -26.72
C PRO A 41 4.14 21.27 -25.84
N ASN A 42 4.00 21.41 -24.52
CA ASN A 42 5.17 21.56 -23.64
C ASN A 42 4.95 20.71 -22.39
N PRO A 43 5.05 19.38 -22.51
CA PRO A 43 4.66 18.52 -21.40
C PRO A 43 5.57 18.66 -20.20
N VAL A 44 5.00 18.47 -19.01
CA VAL A 44 5.78 18.32 -17.80
C VAL A 44 6.23 16.86 -17.70
N VAL A 45 7.12 16.59 -16.74
CA VAL A 45 7.88 15.34 -16.54
C VAL A 45 8.20 14.62 -17.86
N PRO A 46 8.77 15.30 -18.85
CA PRO A 46 9.19 14.58 -20.06
C PRO A 46 10.44 13.76 -19.79
N ILE A 47 10.48 12.57 -20.38
CA ILE A 47 11.61 11.67 -20.24
C ILE A 47 12.43 11.73 -21.52
N MET A 48 13.75 11.84 -21.38
CA MET A 48 14.63 11.92 -22.54
C MET A 48 14.91 10.51 -23.05
N TYR A 49 13.96 9.99 -23.83
CA TYR A 49 14.03 8.60 -24.25
C TYR A 49 15.25 8.36 -25.13
N SER A 50 15.80 7.15 -25.01
CA SER A 50 16.82 6.72 -25.94
C SER A 50 16.25 6.65 -27.35
N GLU A 51 17.13 6.74 -28.35
CA GLU A 51 16.70 6.61 -29.73
C GLU A 51 15.99 5.29 -29.95
N GLU A 52 16.52 4.20 -29.38
CA GLU A 52 15.92 2.88 -29.54
C GLU A 52 14.51 2.84 -28.98
N TYR A 53 14.30 3.43 -27.79
CA TYR A 53 13.00 3.36 -27.16
C TYR A 53 11.98 4.22 -27.90
N LYS A 54 12.35 5.45 -28.26
CA LYS A 54 11.45 6.30 -29.03
C LYS A 54 11.05 5.62 -30.33
N ASP A 55 12.03 5.08 -31.05
CA ASP A 55 11.75 4.44 -32.33
C ASP A 55 10.77 3.29 -32.16
N ALA A 56 11.02 2.41 -31.18
CA ALA A 56 10.14 1.26 -30.96
C ALA A 56 8.73 1.70 -30.60
N MET A 57 8.61 2.77 -29.79
CA MET A 57 7.28 3.24 -29.39
C MET A 57 6.56 3.93 -30.53
N ASP A 58 7.30 4.66 -31.39
CA ASP A 58 6.69 5.26 -32.57
C ASP A 58 6.05 4.20 -33.45
N TYR A 59 6.72 3.06 -33.59
CA TYR A 59 6.16 1.98 -34.39
C TYR A 59 5.12 1.16 -33.64
N PHE A 60 5.26 1.04 -32.31
CA PHE A 60 4.19 0.39 -31.55
C PHE A 60 2.90 1.18 -31.63
N ARG A 61 2.98 2.51 -31.51
CA ARG A 61 1.78 3.34 -31.67
C ARG A 61 1.09 3.07 -32.99
N ALA A 62 1.87 2.91 -34.06
CA ALA A 62 1.30 2.60 -35.37
C ALA A 62 0.71 1.20 -35.39
N ILE A 63 1.45 0.23 -34.86
CA ILE A 63 0.96 -1.14 -34.78
C ILE A 63 -0.34 -1.20 -34.00
N ALA A 64 -0.36 -0.56 -32.83
CA ALA A 64 -1.52 -0.68 -31.95
C ALA A 64 -2.72 0.07 -32.52
N ALA A 65 -2.47 1.22 -33.16
CA ALA A 65 -3.58 1.97 -33.74
C ALA A 65 -4.29 1.17 -34.82
N LYS A 66 -3.55 0.46 -35.67
CA LYS A 66 -4.14 -0.38 -36.71
C LYS A 66 -4.55 -1.76 -36.17
N GLU A 67 -4.28 -2.04 -34.90
CA GLU A 67 -4.63 -3.31 -34.25
C GLU A 67 -4.04 -4.51 -35.00
N GLU A 68 -2.81 -4.37 -35.47
CA GLU A 68 -2.13 -5.46 -36.14
C GLU A 68 -1.71 -6.54 -35.16
N LYS A 69 -2.10 -7.78 -35.45
CA LYS A 69 -1.70 -8.94 -34.65
C LYS A 69 -0.78 -9.79 -35.52
N SER A 70 0.53 -9.68 -35.28
CA SER A 70 1.50 -10.27 -36.20
C SER A 70 2.76 -10.66 -35.45
N GLU A 71 3.61 -11.43 -36.12
CA GLU A 71 4.87 -11.81 -35.51
C GLU A 71 5.80 -10.61 -35.32
N ARG A 72 5.81 -9.67 -36.26
CA ARG A 72 6.67 -8.49 -36.08
C ARG A 72 6.19 -7.64 -34.91
N ALA A 73 4.87 -7.55 -34.74
CA ALA A 73 4.31 -6.86 -33.58
C ALA A 73 4.70 -7.56 -32.30
N LEU A 74 4.68 -8.89 -32.31
CA LEU A 74 5.13 -9.65 -31.15
C LEU A 74 6.59 -9.33 -30.83
N GLU A 75 7.46 -9.37 -31.85
CA GLU A 75 8.87 -9.05 -31.64
C GLU A 75 9.04 -7.65 -31.10
N LEU A 76 8.25 -6.70 -31.62
CA LEU A 76 8.35 -5.32 -31.16
C LEU A 76 7.98 -5.19 -29.68
N THR A 77 6.95 -5.91 -29.25
CA THR A 77 6.57 -5.82 -27.83
C THR A 77 7.68 -6.35 -26.94
N GLU A 78 8.35 -7.44 -27.36
CA GLU A 78 9.47 -7.93 -26.57
C GLU A 78 10.57 -6.87 -26.48
N ILE A 79 10.90 -6.25 -27.61
CA ILE A 79 11.92 -5.20 -27.60
C ILE A 79 11.56 -4.09 -26.61
N ILE A 80 10.28 -3.76 -26.51
CA ILE A 80 9.88 -2.63 -25.68
C ILE A 80 9.89 -3.03 -24.20
N VAL A 81 9.34 -4.19 -23.86
CA VAL A 81 9.30 -4.58 -22.46
C VAL A 81 10.69 -4.95 -21.94
N ARG A 82 11.64 -5.25 -22.83
CA ARG A 82 13.03 -5.41 -22.37
C ARG A 82 13.61 -4.06 -21.95
N MET A 83 13.24 -2.99 -22.65
CA MET A 83 13.73 -1.66 -22.28
C MET A 83 12.94 -1.08 -21.12
N ASN A 84 11.66 -1.44 -20.98
CA ASN A 84 10.81 -0.96 -19.90
C ASN A 84 9.87 -2.08 -19.47
N PRO A 85 10.30 -2.93 -18.54
CA PRO A 85 9.44 -4.04 -18.07
C PRO A 85 8.13 -3.60 -17.43
N ALA A 86 7.97 -2.32 -17.09
CA ALA A 86 6.77 -1.87 -16.41
C ALA A 86 5.71 -1.35 -17.39
N HIS A 87 5.92 -1.52 -18.69
CA HIS A 87 5.04 -0.90 -19.69
C HIS A 87 3.78 -1.73 -19.86
N TYR A 88 2.77 -1.45 -19.03
CA TYR A 88 1.61 -2.35 -18.92
C TYR A 88 0.82 -2.39 -20.23
N THR A 89 0.78 -1.29 -20.97
CA THR A 89 0.10 -1.28 -22.26
C THR A 89 0.74 -2.27 -23.24
N VAL A 90 2.07 -2.30 -23.29
CA VAL A 90 2.75 -3.20 -24.22
C VAL A 90 2.62 -4.65 -23.77
N TRP A 91 2.64 -4.90 -22.46
CA TRP A 91 2.39 -6.25 -21.95
C TRP A 91 0.99 -6.73 -22.30
N GLN A 92 -0.01 -5.85 -22.14
CA GLN A 92 -1.38 -6.19 -22.52
C GLN A 92 -1.45 -6.55 -24.01
N TYR A 93 -0.81 -5.74 -24.85
CA TYR A 93 -0.80 -6.02 -26.28
C TYR A 93 -0.09 -7.33 -26.57
N ARG A 94 1.01 -7.58 -25.85
CA ARG A 94 1.77 -8.81 -26.07
C ARG A 94 0.94 -10.05 -25.76
N PHE A 95 0.16 -10.03 -24.67
CA PHE A 95 -0.66 -11.20 -24.37
C PHE A 95 -1.78 -11.38 -25.39
N SER A 96 -2.35 -10.28 -25.87
CA SER A 96 -3.37 -10.40 -26.92
C SER A 96 -2.78 -10.94 -28.20
N LEU A 97 -1.50 -10.63 -28.47
CA LEU A 97 -0.81 -11.24 -29.61
C LEU A 97 -0.62 -12.73 -29.42
N LEU A 98 -0.18 -13.14 -28.23
CA LEU A 98 0.04 -14.56 -27.96
C LEU A 98 -1.23 -15.36 -28.18
N THR A 99 -2.36 -14.85 -27.71
CA THR A 99 -3.61 -15.60 -27.87
C THR A 99 -4.15 -15.51 -29.29
N SER A 100 -4.04 -14.35 -29.93
CA SER A 100 -4.49 -14.20 -31.31
C SER A 100 -3.72 -15.12 -32.25
N LEU A 101 -2.40 -15.19 -32.09
CA LEU A 101 -1.55 -15.97 -32.97
C LEU A 101 -1.43 -17.41 -32.55
N ASN A 102 -2.10 -17.82 -31.46
CA ASN A 102 -2.03 -19.17 -30.92
C ASN A 102 -0.57 -19.60 -30.71
N LYS A 103 0.20 -18.68 -30.12
CA LYS A 103 1.61 -18.96 -29.88
C LYS A 103 1.77 -19.98 -28.75
N SER A 104 2.94 -20.62 -28.73
CA SER A 104 3.28 -21.55 -27.66
C SER A 104 3.43 -20.79 -26.35
N LEU A 105 2.47 -20.98 -25.44
CA LEU A 105 2.58 -20.33 -24.14
C LEU A 105 3.67 -20.96 -23.29
N GLU A 106 4.04 -22.22 -23.56
CA GLU A 106 5.17 -22.81 -22.87
C GLU A 106 6.47 -22.13 -23.26
N ASP A 107 6.63 -21.82 -24.56
CA ASP A 107 7.78 -21.03 -24.98
C ASP A 107 7.77 -19.64 -24.33
N GLU A 108 6.60 -19.03 -24.18
CA GLU A 108 6.54 -17.72 -23.53
C GLU A 108 6.94 -17.82 -22.06
N LEU A 109 6.50 -18.88 -21.36
CA LEU A 109 6.93 -19.08 -19.98
C LEU A 109 8.44 -19.19 -19.88
N ARG A 110 9.06 -19.91 -20.83
CA ARG A 110 10.52 -20.01 -20.83
C ARG A 110 11.17 -18.66 -21.02
N LEU A 111 10.55 -17.79 -21.83
CA LEU A 111 11.06 -16.42 -21.94
C LEU A 111 10.89 -15.67 -20.62
N MET A 112 9.78 -15.90 -19.91
CA MET A 112 9.55 -15.19 -18.65
C MET A 112 10.51 -15.67 -17.57
N ASN A 113 10.97 -16.92 -17.62
CA ASN A 113 12.01 -17.36 -16.70
C ASN A 113 13.26 -16.51 -16.87
N GLU A 114 13.60 -16.20 -18.12
CA GLU A 114 14.84 -15.43 -18.39
C GLU A 114 14.63 -13.97 -17.96
N PHE A 115 13.44 -13.43 -18.15
CA PHE A 115 13.23 -12.02 -17.81
C PHE A 115 13.63 -11.84 -16.35
N ALA A 116 12.93 -12.53 -15.44
CA ALA A 116 13.25 -12.45 -14.00
C ALA A 116 14.72 -12.79 -13.75
N VAL A 117 15.33 -13.64 -14.59
CA VAL A 117 16.77 -13.96 -14.47
C VAL A 117 17.60 -12.73 -14.87
N GLN A 118 17.30 -12.14 -16.04
CA GLN A 118 18.03 -10.94 -16.50
C GLN A 118 17.54 -9.71 -15.75
N ASN A 119 17.00 -9.88 -14.53
CA ASN A 119 16.64 -8.75 -13.64
C ASN A 119 15.32 -8.08 -14.04
N LEU A 120 14.76 -8.39 -15.20
CA LEU A 120 13.52 -7.73 -15.70
C LEU A 120 12.32 -8.23 -14.89
N LYS A 121 11.81 -7.42 -13.98
CA LYS A 121 10.68 -7.86 -13.11
C LYS A 121 9.72 -6.69 -12.87
N SER A 122 8.46 -6.98 -12.48
CA SER A 122 7.45 -5.92 -12.28
C SER A 122 6.08 -6.50 -11.92
N TYR A 123 5.13 -5.63 -11.59
CA TYR A 123 3.74 -6.08 -11.43
C TYR A 123 3.31 -6.70 -12.77
N GLN A 124 3.86 -6.19 -13.87
CA GLN A 124 3.40 -6.66 -15.19
C GLN A 124 3.98 -8.02 -15.54
N VAL A 125 5.27 -8.24 -15.27
CA VAL A 125 5.87 -9.54 -15.54
C VAL A 125 5.17 -10.62 -14.74
N TRP A 126 4.89 -10.34 -13.46
CA TRP A 126 4.25 -11.34 -12.61
C TRP A 126 2.82 -11.61 -13.06
N HIS A 127 2.10 -10.57 -13.47
CA HIS A 127 0.74 -10.77 -13.93
C HIS A 127 0.72 -11.51 -15.27
N HIS A 128 1.68 -11.21 -16.15
CA HIS A 128 1.83 -11.94 -17.40
C HIS A 128 2.00 -13.44 -17.15
N ARG A 129 2.86 -13.78 -16.19
CA ARG A 129 3.07 -15.19 -15.84
C ARG A 129 1.77 -15.82 -15.36
N LEU A 130 1.00 -15.09 -14.55
CA LEU A 130 -0.27 -15.60 -14.05
C LEU A 130 -1.24 -15.84 -15.20
N LEU A 131 -1.33 -14.88 -16.13
CA LEU A 131 -2.21 -15.06 -17.28
C LEU A 131 -1.79 -16.27 -18.11
N LEU A 132 -0.48 -16.47 -18.27
CA LEU A 132 0.01 -17.65 -18.98
C LEU A 132 -0.43 -18.93 -18.29
N LEU A 133 -0.22 -19.01 -16.98
CA LEU A 133 -0.60 -20.21 -16.23
C LEU A 133 -2.09 -20.44 -16.28
N ASP A 134 -2.87 -19.37 -16.16
CA ASP A 134 -4.32 -19.48 -16.26
C ASP A 134 -4.74 -20.03 -17.63
N ARG A 135 -4.09 -19.56 -18.69
CA ARG A 135 -4.52 -19.98 -20.02
C ARG A 135 -3.99 -21.36 -20.39
N ILE A 136 -2.72 -21.67 -20.07
CA ILE A 136 -2.23 -23.03 -20.26
C ILE A 136 -3.11 -24.02 -19.49
N SER A 137 -3.46 -23.66 -18.27
CA SER A 137 -4.28 -24.49 -17.39
C SER A 137 -3.72 -25.90 -17.29
N PRO A 138 -2.48 -26.07 -16.82
CA PRO A 138 -1.89 -27.41 -16.75
C PRO A 138 -2.70 -28.30 -15.83
N GLN A 139 -2.79 -29.57 -16.21
CA GLN A 139 -3.48 -30.50 -15.33
C GLN A 139 -2.72 -30.68 -14.02
N ASP A 140 -1.41 -30.49 -14.03
CA ASP A 140 -0.60 -30.54 -12.81
C ASP A 140 0.36 -29.36 -12.81
N PRO A 141 0.20 -28.42 -11.88
CA PRO A 141 1.08 -27.24 -11.88
C PRO A 141 2.37 -27.43 -11.09
N VAL A 142 2.81 -28.67 -10.89
CA VAL A 142 3.94 -28.92 -9.97
C VAL A 142 5.20 -28.22 -10.47
N SER A 143 5.45 -28.23 -11.78
CA SER A 143 6.67 -27.64 -12.29
C SER A 143 6.70 -26.13 -12.08
N GLU A 144 5.52 -25.49 -12.14
CA GLU A 144 5.48 -24.06 -11.85
C GLU A 144 5.68 -23.79 -10.36
N ILE A 145 5.08 -24.64 -9.51
CA ILE A 145 5.31 -24.54 -8.07
C ILE A 145 6.80 -24.62 -7.77
N GLU A 146 7.50 -25.60 -8.36
CA GLU A 146 8.93 -25.75 -8.14
C GLU A 146 9.71 -24.55 -8.68
N TYR A 147 9.30 -24.01 -9.83
CA TYR A 147 9.98 -22.83 -10.34
C TYR A 147 9.88 -21.67 -9.34
N ILE A 148 8.67 -21.44 -8.80
CA ILE A 148 8.45 -20.35 -7.87
C ILE A 148 9.29 -20.53 -6.61
N HIS A 149 9.34 -21.76 -6.09
CA HIS A 149 10.21 -22.05 -4.96
C HIS A 149 11.65 -21.65 -5.25
N GLY A 150 12.15 -22.05 -6.42
CA GLY A 150 13.51 -21.70 -6.79
C GLY A 150 13.71 -20.20 -6.92
N SER A 151 12.73 -19.51 -7.49
CA SER A 151 12.86 -18.08 -7.71
C SER A 151 12.95 -17.30 -6.39
N LEU A 152 12.50 -17.89 -5.28
CA LEU A 152 12.57 -17.21 -3.99
C LEU A 152 13.96 -17.23 -3.36
N LEU A 153 14.94 -17.92 -3.95
CA LEU A 153 16.28 -17.96 -3.37
C LEU A 153 16.96 -16.59 -3.35
N PRO A 154 17.00 -15.82 -4.44
CA PRO A 154 17.59 -14.47 -4.34
C PRO A 154 16.88 -13.54 -3.37
N ASP A 155 15.55 -13.50 -3.37
CA ASP A 155 14.78 -12.69 -2.42
C ASP A 155 13.66 -13.53 -1.84
N PRO A 156 13.88 -14.14 -0.67
CA PRO A 156 12.83 -14.98 -0.05
C PRO A 156 11.65 -14.20 0.51
N LYS A 157 11.63 -12.87 0.43
CA LYS A 157 10.48 -12.11 0.88
C LYS A 157 9.81 -11.33 -0.25
N ASN A 158 10.12 -11.67 -1.50
CA ASN A 158 9.54 -10.98 -2.65
C ASN A 158 8.03 -11.06 -2.60
N TYR A 159 7.37 -9.92 -2.42
CA TYR A 159 5.93 -9.92 -2.12
C TYR A 159 5.12 -10.45 -3.30
N HIS A 160 5.44 -10.00 -4.52
CA HIS A 160 4.70 -10.48 -5.69
C HIS A 160 4.82 -11.98 -5.84
N THR A 161 5.98 -12.53 -5.50
CA THR A 161 6.16 -13.97 -5.65
C THR A 161 5.29 -14.73 -4.66
N TRP A 162 5.29 -14.30 -3.41
CA TRP A 162 4.45 -14.94 -2.42
C TRP A 162 2.96 -14.82 -2.80
N ALA A 163 2.55 -13.62 -3.25
CA ALA A 163 1.18 -13.45 -3.73
C ALA A 163 0.88 -14.38 -4.91
N TYR A 164 1.82 -14.52 -5.83
CA TYR A 164 1.62 -15.40 -6.98
C TYR A 164 1.48 -16.86 -6.54
N LEU A 165 2.32 -17.30 -5.60
CA LEU A 165 2.23 -18.67 -5.08
C LEU A 165 0.86 -18.94 -4.45
N HIS A 166 0.37 -18.00 -3.65
CA HIS A 166 -1.00 -18.10 -3.12
C HIS A 166 -2.01 -18.25 -4.24
N TRP A 167 -1.90 -17.42 -5.28
CA TRP A 167 -2.87 -17.48 -6.37
C TRP A 167 -2.78 -18.84 -7.07
N LEU A 168 -1.56 -19.34 -7.29
CA LEU A 168 -1.37 -20.60 -8.02
C LEU A 168 -2.04 -21.76 -7.29
N TYR A 169 -1.79 -21.89 -5.98
CA TYR A 169 -2.43 -22.94 -5.21
C TYR A 169 -3.93 -22.75 -5.12
N SER A 170 -4.37 -21.50 -5.03
CA SER A 170 -5.80 -21.25 -4.88
C SER A 170 -6.54 -21.53 -6.18
N HIS A 171 -6.01 -21.02 -7.29
CA HIS A 171 -6.62 -21.25 -8.60
C HIS A 171 -6.66 -22.74 -8.94
N PHE A 172 -5.51 -23.39 -8.89
CA PHE A 172 -5.51 -24.80 -9.30
C PHE A 172 -6.17 -25.72 -8.28
N SER A 173 -6.26 -25.33 -7.01
CA SER A 173 -7.04 -26.15 -6.09
C SER A 173 -8.53 -26.05 -6.37
N THR A 174 -9.03 -24.87 -6.79
CA THR A 174 -10.43 -24.77 -7.20
CA THR A 174 -10.42 -24.74 -7.22
C THR A 174 -10.74 -25.68 -8.37
N LEU A 175 -9.76 -25.95 -9.23
CA LEU A 175 -9.97 -26.88 -10.32
C LEU A 175 -9.78 -28.33 -9.88
N GLY A 176 -9.50 -28.56 -8.60
CA GLY A 176 -9.30 -29.89 -8.07
C GLY A 176 -7.96 -30.49 -8.42
N ARG A 177 -6.95 -29.66 -8.72
CA ARG A 177 -5.71 -30.16 -9.30
C ARG A 177 -4.55 -30.17 -8.32
N ILE A 178 -4.79 -29.87 -7.05
CA ILE A 178 -3.75 -29.97 -6.03
C ILE A 178 -4.04 -31.21 -5.20
N SER A 179 -3.14 -32.19 -5.28
CA SER A 179 -3.30 -33.44 -4.56
C SER A 179 -2.88 -33.29 -3.10
N GLU A 180 -3.30 -34.25 -2.27
CA GLU A 180 -2.87 -34.26 -0.87
C GLU A 180 -1.35 -34.36 -0.76
N ALA A 181 -0.72 -35.13 -1.66
CA ALA A 181 0.73 -35.18 -1.65
C ALA A 181 1.34 -33.82 -1.95
N GLN A 182 0.75 -33.08 -2.88
CA GLN A 182 1.27 -31.76 -3.23
C GLN A 182 1.16 -30.80 -2.05
N TRP A 183 0.01 -30.81 -1.35
CA TRP A 183 -0.13 -29.98 -0.16
C TRP A 183 0.90 -30.35 0.90
N GLY A 184 1.17 -31.65 1.04
CA GLY A 184 2.08 -32.07 2.08
C GLY A 184 3.51 -31.68 1.78
N SER A 185 3.92 -31.80 0.52
CA SER A 185 5.27 -31.34 0.17
C SER A 185 5.36 -29.83 0.29
N GLU A 186 4.25 -29.12 0.10
CA GLU A 186 4.29 -27.67 0.23
C GLU A 186 4.52 -27.27 1.68
N LEU A 187 3.89 -27.99 2.62
CA LEU A 187 4.12 -27.69 4.03
C LEU A 187 5.56 -28.02 4.42
N ASP A 188 6.09 -29.15 3.91
CA ASP A 188 7.50 -29.46 4.08
C ASP A 188 8.39 -28.33 3.59
N TRP A 189 8.11 -27.81 2.39
CA TRP A 189 8.92 -26.72 1.86
C TRP A 189 8.79 -25.49 2.74
N CYS A 190 7.57 -25.18 3.18
CA CYS A 190 7.37 -24.03 4.06
C CYS A 190 8.14 -24.19 5.36
N ASN A 191 8.13 -25.40 5.93
CA ASN A 191 8.84 -25.65 7.18
C ASN A 191 10.34 -25.44 7.01
N GLU A 192 10.88 -25.85 5.86
CA GLU A 192 12.30 -25.62 5.58
C GLU A 192 12.60 -24.13 5.44
N MET A 193 11.70 -23.37 4.81
CA MET A 193 11.92 -21.91 4.73
C MET A 193 12.01 -21.31 6.12
N LEU A 194 11.09 -21.67 7.02
CA LEU A 194 11.12 -21.12 8.36
C LEU A 194 12.27 -21.67 9.20
N ARG A 195 12.79 -22.86 8.86
CA ARG A 195 13.99 -23.34 9.52
C ARG A 195 15.20 -22.50 9.14
N VAL A 196 15.32 -22.16 7.85
CA VAL A 196 16.44 -21.35 7.39
C VAL A 196 16.33 -19.92 7.91
N ASP A 197 15.12 -19.38 8.03
CA ASP A 197 14.96 -18.02 8.59
C ASP A 197 13.57 -17.95 9.23
N GLY A 198 13.53 -18.20 10.55
CA GLY A 198 12.29 -18.12 11.28
C GLY A 198 11.71 -16.73 11.38
N ARG A 199 12.47 -15.72 10.97
CA ARG A 199 11.99 -14.35 10.88
C ARG A 199 11.39 -14.02 9.51
N ASN A 200 11.25 -15.00 8.63
CA ASN A 200 10.65 -14.74 7.33
C ASN A 200 9.14 -14.69 7.50
N ASN A 201 8.62 -13.47 7.69
CA ASN A 201 7.19 -13.29 7.86
C ASN A 201 6.39 -13.73 6.64
N SER A 202 7.01 -13.73 5.46
CA SER A 202 6.30 -14.19 4.27
C SER A 202 6.05 -15.69 4.35
N ALA A 203 7.01 -16.44 4.91
CA ALA A 203 6.79 -17.88 5.03
C ALA A 203 5.82 -18.20 6.16
N TRP A 204 5.80 -17.38 7.21
CA TRP A 204 4.76 -17.51 8.23
C TRP A 204 3.37 -17.30 7.63
N GLY A 205 3.23 -16.29 6.76
CA GLY A 205 1.95 -16.08 6.11
C GLY A 205 1.56 -17.27 5.25
N TRP A 206 2.53 -17.87 4.57
CA TRP A 206 2.25 -19.05 3.75
C TRP A 206 1.80 -20.21 4.63
N ARG A 207 2.47 -20.40 5.78
CA ARG A 207 2.03 -21.45 6.70
C ARG A 207 0.57 -21.26 7.10
N TRP A 208 0.16 -20.01 7.30
CA TRP A 208 -1.22 -19.73 7.70
C TRP A 208 -2.19 -20.17 6.63
N TYR A 209 -1.86 -19.91 5.36
CA TYR A 209 -2.67 -20.40 4.26
C TYR A 209 -2.74 -21.92 4.28
N LEU A 210 -1.58 -22.57 4.35
CA LEU A 210 -1.53 -24.03 4.26
C LEU A 210 -2.26 -24.69 5.42
N ARG A 211 -2.13 -24.12 6.62
CA ARG A 211 -2.65 -24.78 7.81
C ARG A 211 -4.00 -24.23 8.27
N VAL A 212 -4.32 -22.97 7.98
CA VAL A 212 -5.53 -22.40 8.57
C VAL A 212 -6.54 -21.93 7.54
N SER A 213 -6.13 -21.02 6.63
CA SER A 213 -7.14 -20.31 5.84
C SER A 213 -7.62 -21.06 4.61
N ARG A 214 -6.78 -21.88 3.96
CA ARG A 214 -7.20 -22.51 2.72
C ARG A 214 -8.42 -23.41 2.98
N PRO A 215 -9.34 -23.51 2.02
CA PRO A 215 -10.60 -24.23 2.29
C PRO A 215 -10.38 -25.69 2.65
N GLY A 216 -9.33 -26.31 2.12
CA GLY A 216 -9.10 -27.72 2.35
C GLY A 216 -8.33 -28.05 3.61
N ALA A 217 -7.96 -27.05 4.40
CA ALA A 217 -7.22 -27.30 5.63
C ALA A 217 -8.04 -28.13 6.61
N GLU A 218 -7.38 -29.06 7.28
CA GLU A 218 -8.01 -29.86 8.31
C GLU A 218 -8.11 -29.07 9.60
N THR A 219 -9.29 -29.11 10.23
CA THR A 219 -9.47 -28.55 11.56
C THR A 219 -9.96 -29.69 12.46
N SER A 220 -9.04 -30.22 13.27
CA SER A 220 -9.35 -31.27 14.24
C SER A 220 -8.66 -30.95 15.56
N SER A 221 -8.96 -31.76 16.58
CA SER A 221 -8.23 -31.63 17.83
C SER A 221 -6.75 -31.92 17.64
N ARG A 222 -6.42 -32.90 16.80
CA ARG A 222 -5.02 -33.19 16.51
C ARG A 222 -4.32 -31.98 15.88
N SER A 223 -4.93 -31.41 14.84
CA SER A 223 -4.26 -30.37 14.06
C SER A 223 -4.06 -29.10 14.89
N LEU A 224 -5.05 -28.75 15.72
CA LEU A 224 -4.89 -27.60 16.60
C LEU A 224 -3.77 -27.82 17.59
N GLN A 225 -3.69 -29.04 18.14
CA GLN A 225 -2.60 -29.35 19.05
C GLN A 225 -1.25 -29.27 18.34
N ASP A 226 -1.16 -29.83 17.13
CA ASP A 226 0.10 -29.80 16.39
C ASP A 226 0.49 -28.36 16.08
N GLU A 227 -0.47 -27.54 15.67
CA GLU A 227 -0.16 -26.17 15.30
C GLU A 227 0.36 -25.40 16.51
N LEU A 228 -0.34 -25.53 17.65
CA LEU A 228 0.09 -24.85 18.87
C LEU A 228 1.48 -25.29 19.29
N ILE A 229 1.80 -26.57 19.10
CA ILE A 229 3.15 -27.04 19.40
C ILE A 229 4.16 -26.35 18.49
N TYR A 230 3.85 -26.26 17.20
CA TYR A 230 4.78 -25.63 16.27
C TYR A 230 4.98 -24.16 16.63
N ILE A 231 3.89 -23.46 16.96
CA ILE A 231 3.98 -22.03 17.29
C ILE A 231 4.84 -21.82 18.53
N LEU A 232 4.54 -22.58 19.60
CA LEU A 232 5.27 -22.40 20.85
C LEU A 232 6.74 -22.77 20.70
N LYS A 233 7.03 -23.90 20.04
CA LYS A 233 8.43 -24.23 19.72
C LYS A 233 9.12 -23.06 19.03
N SER A 234 8.42 -22.43 18.08
CA SER A 234 9.02 -21.32 17.33
C SER A 234 9.29 -20.13 18.23
N ILE A 235 8.37 -19.81 19.14
CA ILE A 235 8.61 -18.70 20.08
C ILE A 235 9.79 -19.03 20.98
N HIS A 236 9.86 -20.26 21.51
CA HIS A 236 10.97 -20.59 22.40
C HIS A 236 12.31 -20.58 21.68
N LEU A 237 12.33 -20.85 20.37
CA LEU A 237 13.57 -20.74 19.61
C LEU A 237 13.99 -19.28 19.42
N ILE A 238 13.03 -18.40 19.14
CA ILE A 238 13.34 -16.98 18.92
C ILE A 238 12.32 -16.16 19.71
N PRO A 239 12.55 -15.93 21.01
CA PRO A 239 11.51 -15.28 21.83
C PRO A 239 11.13 -13.88 21.39
N HIS A 240 12.02 -13.16 20.70
CA HIS A 240 11.73 -11.79 20.27
C HIS A 240 11.20 -11.73 18.83
N ASN A 241 10.86 -12.87 18.24
CA ASN A 241 10.41 -12.92 16.84
C ASN A 241 8.95 -12.48 16.77
N VAL A 242 8.71 -11.26 16.25
CA VAL A 242 7.35 -10.73 16.19
C VAL A 242 6.46 -11.61 15.33
N SER A 243 7.01 -12.17 14.25
CA SER A 243 6.22 -13.05 13.36
C SER A 243 5.57 -14.19 14.13
N ALA A 244 6.34 -14.85 15.00
CA ALA A 244 5.79 -15.98 15.75
C ALA A 244 4.73 -15.52 16.73
N TRP A 245 4.95 -14.38 17.40
CA TRP A 245 3.96 -13.85 18.32
C TRP A 245 2.66 -13.51 17.60
N ASN A 246 2.75 -12.84 16.45
CA ASN A 246 1.54 -12.47 15.73
C ASN A 246 0.79 -13.71 15.26
N TYR A 247 1.54 -14.72 14.83
CA TYR A 247 0.90 -15.96 14.41
C TYR A 247 0.18 -16.61 15.59
N LEU A 248 0.82 -16.64 16.76
CA LEU A 248 0.16 -17.17 17.95
C LEU A 248 -1.12 -16.42 18.25
N ARG A 249 -1.07 -15.07 18.19
CA ARG A 249 -2.27 -14.31 18.53
C ARG A 249 -3.35 -14.50 17.49
N GLY A 250 -2.99 -14.53 16.20
CA GLY A 250 -3.98 -14.79 15.18
C GLY A 250 -4.58 -16.18 15.32
N PHE A 251 -3.72 -17.17 15.61
CA PHE A 251 -4.19 -18.54 15.78
C PHE A 251 -5.23 -18.65 16.89
N LEU A 252 -4.92 -18.10 18.08
CA LEU A 252 -5.85 -18.18 19.20
C LEU A 252 -7.14 -17.44 18.90
N LYS A 253 -7.03 -16.24 18.32
CA LYS A 253 -8.22 -15.45 18.01
C LYS A 253 -9.07 -16.16 16.98
N HIS A 254 -8.45 -16.72 15.94
CA HIS A 254 -9.19 -17.32 14.83
C HIS A 254 -10.00 -18.52 15.29
N PHE A 255 -9.42 -19.35 16.16
CA PHE A 255 -10.06 -20.57 16.63
C PHE A 255 -10.76 -20.39 17.97
N SER A 256 -10.88 -19.15 18.45
CA SER A 256 -11.60 -18.85 19.70
C SER A 256 -11.04 -19.64 20.87
N LEU A 257 -9.72 -19.78 20.91
CA LEU A 257 -9.04 -20.50 21.99
C LEU A 257 -8.68 -19.53 23.12
N PRO A 258 -8.93 -19.90 24.38
CA PRO A 258 -8.56 -19.01 25.48
C PRO A 258 -7.05 -18.90 25.64
N LEU A 259 -6.60 -17.73 26.09
CA LEU A 259 -5.18 -17.49 26.28
C LEU A 259 -4.64 -18.10 27.57
N VAL A 260 -5.48 -18.15 28.61
CA VAL A 260 -4.99 -18.55 29.94
C VAL A 260 -4.34 -19.94 29.94
N PRO A 261 -4.94 -20.98 29.35
CA PRO A 261 -4.30 -22.31 29.43
C PRO A 261 -2.89 -22.38 28.88
N ILE A 262 -2.50 -21.44 28.02
CA ILE A 262 -1.16 -21.43 27.45
C ILE A 262 -0.21 -20.54 28.25
N LEU A 263 -0.74 -19.73 29.17
CA LEU A 263 0.09 -18.79 29.94
C LEU A 263 1.36 -19.38 30.53
N PRO A 264 1.39 -20.63 31.04
CA PRO A 264 2.67 -21.17 31.54
C PRO A 264 3.82 -21.08 30.55
N ALA A 265 3.57 -21.26 29.25
CA ALA A 265 4.65 -21.18 28.27
C ALA A 265 5.04 -19.73 27.96
N ILE A 266 4.26 -18.75 28.39
CA ILE A 266 4.48 -17.36 28.06
C ILE A 266 5.03 -16.58 29.24
N LEU A 267 4.57 -16.89 30.46
CA LEU A 267 4.98 -16.15 31.64
C LEU A 267 6.49 -15.98 31.82
N PRO A 268 7.35 -16.98 31.54
CA PRO A 268 8.80 -16.74 31.69
C PRO A 268 9.33 -15.57 30.90
N TYR A 269 8.64 -15.14 29.85
CA TYR A 269 9.09 -14.01 29.06
C TYR A 269 8.57 -12.68 29.59
N THR A 270 7.73 -12.69 30.63
CA THR A 270 7.13 -11.49 31.18
C THR A 270 7.85 -10.96 32.41
N ALA A 271 8.91 -11.62 32.86
CA ALA A 271 9.60 -11.25 34.10
C ALA A 271 10.11 -9.81 34.05
N PHE A 284 1.32 -29.31 32.41
CA PHE A 284 1.04 -28.39 31.31
C PHE A 284 0.86 -29.14 29.98
N GLY A 285 1.96 -29.64 29.42
CA GLY A 285 1.88 -30.52 28.27
C GLY A 285 2.12 -29.92 26.91
N PHE A 286 2.50 -28.65 26.83
CA PHE A 286 2.91 -28.01 25.59
C PHE A 286 4.32 -27.48 25.75
N PRO A 287 5.03 -27.19 24.64
CA PRO A 287 6.44 -26.79 24.76
C PRO A 287 6.62 -25.60 25.68
N MET A 288 7.64 -25.66 26.51
CA MET A 288 8.00 -24.65 27.48
C MET A 288 9.34 -24.03 27.12
N PRO A 289 9.63 -22.81 27.60
CA PRO A 289 10.92 -22.19 27.29
C PRO A 289 12.07 -23.07 27.78
N SER A 290 13.22 -22.94 27.11
CA SER A 290 14.40 -23.66 27.55
C SER A 290 14.78 -23.17 28.95
N ASP A 291 15.14 -24.11 29.83
CA ASP A 291 15.34 -23.76 31.24
C ASP A 291 16.37 -22.66 31.42
N PRO A 292 17.59 -22.75 30.87
CA PRO A 292 18.35 -21.52 30.65
C PRO A 292 17.86 -20.89 29.34
N LEU A 293 17.22 -19.72 29.45
CA LEU A 293 16.74 -19.05 28.25
C LEU A 293 17.94 -18.84 27.33
N PRO A 294 17.77 -18.88 26.01
CA PRO A 294 18.90 -18.63 25.12
C PRO A 294 19.53 -17.28 25.42
N GLU A 295 20.83 -17.17 25.14
CA GLU A 295 21.53 -15.91 25.35
C GLU A 295 20.96 -14.84 24.43
N ASP A 296 21.20 -13.59 24.81
CA ASP A 296 20.68 -12.42 24.08
C ASP A 296 19.16 -12.48 24.01
N THR A 297 18.54 -12.69 25.17
CA THR A 297 17.09 -12.71 25.32
C THR A 297 16.71 -11.78 26.47
N PRO A 298 16.83 -10.46 26.28
CA PRO A 298 16.50 -9.53 27.36
C PRO A 298 15.01 -9.56 27.66
N LEU A 299 14.69 -9.52 28.93
CA LEU A 299 13.32 -9.59 29.41
C LEU A 299 12.88 -8.26 30.02
N PRO A 300 11.58 -7.97 30.03
CA PRO A 300 10.49 -8.76 29.46
C PRO A 300 10.42 -8.61 27.95
N VAL A 301 9.82 -9.58 27.27
CA VAL A 301 9.47 -9.48 25.86
C VAL A 301 8.16 -8.71 25.80
N PRO A 302 8.12 -7.53 25.15
CA PRO A 302 6.89 -6.71 25.18
C PRO A 302 5.63 -7.45 24.73
N LEU A 303 5.70 -8.26 23.66
CA LEU A 303 4.50 -8.96 23.23
C LEU A 303 4.11 -10.08 24.19
N ALA A 304 5.06 -10.59 24.97
CA ALA A 304 4.68 -11.46 26.07
C ALA A 304 3.85 -10.70 27.09
N LEU A 305 4.24 -9.46 27.40
CA LEU A 305 3.43 -8.61 28.26
C LEU A 305 2.07 -8.33 27.65
N GLU A 306 2.04 -8.06 26.34
CA GLU A 306 0.74 -7.94 25.66
C GLU A 306 -0.09 -9.21 25.84
N TYR A 307 0.54 -10.38 25.70
CA TYR A 307 -0.18 -11.63 25.95
C TYR A 307 -0.72 -11.66 27.38
N LEU A 308 0.14 -11.35 28.36
CA LEU A 308 -0.28 -11.37 29.76
C LEU A 308 -1.46 -10.43 30.00
N ALA A 309 -1.36 -9.20 29.47
CA ALA A 309 -2.42 -8.22 29.67
C ALA A 309 -3.73 -8.70 29.07
N ASP A 310 -3.68 -9.21 27.84
CA ASP A 310 -4.90 -9.72 27.22
C ASP A 310 -5.46 -10.92 27.98
N SER A 311 -4.59 -11.71 28.60
CA SER A 311 -5.08 -12.84 29.40
C SER A 311 -5.75 -12.35 30.68
N PHE A 312 -5.24 -11.27 31.28
CA PHE A 312 -5.95 -10.62 32.39
C PHE A 312 -7.34 -10.16 31.95
N ILE A 313 -7.43 -9.53 30.77
CA ILE A 313 -8.72 -9.10 30.25
C ILE A 313 -9.64 -10.30 30.03
N GLU A 314 -9.07 -11.42 29.59
CA GLU A 314 -9.85 -12.64 29.45
C GLU A 314 -10.44 -13.07 30.79
N GLN A 315 -9.70 -12.84 31.87
CA GLN A 315 -10.14 -13.17 33.23
C GLN A 315 -10.91 -12.03 33.89
N ASN A 316 -11.23 -10.97 33.15
CA ASN A 316 -11.94 -9.80 33.66
C ASN A 316 -11.17 -9.09 34.77
N ARG A 317 -9.88 -9.37 34.91
CA ARG A 317 -9.02 -8.67 35.86
C ARG A 317 -8.49 -7.40 35.21
N VAL A 318 -9.39 -6.44 35.04
CA VAL A 318 -9.11 -5.25 34.22
C VAL A 318 -8.03 -4.38 34.84
N ASP A 319 -7.90 -4.39 36.18
CA ASP A 319 -6.88 -3.54 36.80
C ASP A 319 -5.50 -4.17 36.65
N ASP A 320 -5.41 -5.49 36.75
CA ASP A 320 -4.13 -6.14 36.49
C ASP A 320 -3.70 -5.97 35.03
N ALA A 321 -4.67 -5.91 34.11
CA ALA A 321 -4.33 -5.66 32.71
C ALA A 321 -3.84 -4.23 32.53
N ALA A 322 -4.56 -3.27 33.14
CA ALA A 322 -4.16 -1.87 33.06
C ALA A 322 -2.76 -1.67 33.60
N LYS A 323 -2.39 -2.41 34.65
CA LYS A 323 -1.04 -2.28 35.18
C LYS A 323 0.01 -2.73 34.18
N VAL A 324 -0.26 -3.81 33.44
CA VAL A 324 0.71 -4.27 32.45
C VAL A 324 0.77 -3.28 31.28
N PHE A 325 -0.38 -2.77 30.85
CA PHE A 325 -0.39 -1.77 29.78
C PHE A 325 0.40 -0.53 30.20
N GLU A 326 0.26 -0.11 31.45
CA GLU A 326 1.00 1.06 31.92
C GLU A 326 2.50 0.82 31.85
N LYS A 327 2.94 -0.40 32.16
CA LYS A 327 4.38 -0.71 32.12
C LYS A 327 4.89 -0.79 30.69
N LEU A 328 4.10 -1.35 29.78
CA LEU A 328 4.45 -1.27 28.36
C LEU A 328 4.59 0.18 27.93
N SER A 329 3.65 1.03 28.35
CA SER A 329 3.66 2.44 27.95
C SER A 329 4.86 3.19 28.54
N SER A 330 5.05 3.09 29.85
CA SER A 330 6.04 3.92 30.52
C SER A 330 7.44 3.33 30.52
N GLU A 331 7.58 2.02 30.31
CA GLU A 331 8.88 1.40 30.53
C GLU A 331 9.34 0.46 29.42
N TYR A 332 8.51 -0.53 29.07
CA TYR A 332 9.01 -1.66 28.29
C TYR A 332 8.79 -1.55 26.79
N ASP A 333 7.91 -0.66 26.32
CA ASP A 333 7.72 -0.48 24.88
C ASP A 333 7.33 0.97 24.61
N GLN A 334 8.26 1.88 24.91
CA GLN A 334 7.95 3.31 24.98
C GLN A 334 7.71 3.93 23.62
N MET A 335 8.21 3.33 22.53
CA MET A 335 7.83 3.84 21.22
C MET A 335 6.32 3.85 21.03
N ARG A 336 5.62 2.88 21.63
CA ARG A 336 4.17 2.81 21.58
C ARG A 336 3.52 3.32 22.87
N ALA A 337 4.16 4.28 23.54
CA ALA A 337 3.65 4.76 24.82
C ALA A 337 2.19 5.21 24.70
N GLY A 338 1.85 5.85 23.58
CA GLY A 338 0.50 6.36 23.43
C GLY A 338 -0.53 5.26 23.18
N TYR A 339 -0.17 4.29 22.34
CA TYR A 339 -1.06 3.16 22.12
C TYR A 339 -1.28 2.39 23.41
N TRP A 340 -0.21 2.12 24.16
CA TRP A 340 -0.38 1.33 25.38
C TRP A 340 -1.15 2.09 26.44
N GLU A 341 -0.98 3.42 26.48
CA GLU A 341 -1.81 4.25 27.35
C GLU A 341 -3.28 4.18 26.94
N PHE A 342 -3.55 4.17 25.62
CA PHE A 342 -4.90 4.00 25.14
C PHE A 342 -5.49 2.67 25.62
N ARG A 343 -4.71 1.60 25.54
CA ARG A 343 -5.18 0.30 26.02
C ARG A 343 -5.37 0.30 27.53
N ARG A 344 -4.52 1.02 28.26
CA ARG A 344 -4.72 1.17 29.71
C ARG A 344 -6.04 1.85 30.01
N ARG A 345 -6.31 2.98 29.34
CA ARG A 345 -7.54 3.72 29.61
C ARG A 345 -8.78 2.89 29.29
N GLU A 346 -8.72 2.08 28.23
CA GLU A 346 -9.85 1.22 27.89
C GLU A 346 -10.22 0.29 29.03
N CYS A 347 -9.26 -0.06 29.89
CA CYS A 347 -9.55 -0.96 31.01
C CYS A 347 -10.49 -0.32 32.03
N ALA A 348 -10.59 1.00 32.06
CA ALA A 348 -11.53 1.69 32.94
C ALA A 348 -12.92 1.74 32.30
N ALA B 2 1.53 17.76 25.14
CA ALA B 2 1.15 17.06 23.92
C ALA B 2 2.10 15.91 23.63
N THR B 3 3.23 15.89 24.35
CA THR B 3 4.34 14.97 24.07
C THR B 3 4.56 13.97 25.21
N GLU B 4 3.66 13.91 26.19
CA GLU B 4 3.82 12.99 27.32
C GLU B 4 3.99 11.55 26.85
N PHE B 5 3.31 11.19 25.77
CA PHE B 5 3.31 9.82 25.26
C PHE B 5 3.97 9.70 23.89
N THR B 6 4.71 10.71 23.46
CA THR B 6 5.46 10.67 22.21
C THR B 6 6.92 10.99 22.51
N PRO B 7 7.64 10.06 23.15
CA PRO B 7 9.03 10.35 23.52
C PRO B 7 9.93 10.50 22.30
N SER B 8 10.81 11.48 22.39
CA SER B 8 11.84 11.65 21.38
C SER B 8 12.75 10.43 21.34
N VAL B 9 13.19 10.10 20.13
CA VAL B 9 14.15 9.01 19.93
C VAL B 9 15.43 9.28 20.73
N TYR B 10 15.84 10.55 20.82
CA TYR B 10 17.04 10.90 21.57
C TYR B 10 16.85 10.76 23.07
N SER B 11 15.62 10.57 23.55
CA SER B 11 15.34 10.45 24.97
C SER B 11 15.23 9.02 25.44
N LEU B 12 15.30 8.06 24.51
CA LEU B 12 15.13 6.66 24.81
C LEU B 12 16.44 5.92 24.59
N VAL B 13 16.56 4.78 25.26
CA VAL B 13 17.73 3.92 25.13
C VAL B 13 17.66 3.17 23.81
N SER B 14 18.62 3.40 22.92
CA SER B 14 18.71 2.65 21.67
C SER B 14 19.41 1.33 21.95
N LYS B 15 18.80 0.23 21.51
CA LYS B 15 19.37 -1.10 21.65
C LYS B 15 18.99 -1.91 20.42
N PRO B 16 19.87 -2.80 19.97
CA PRO B 16 19.55 -3.63 18.79
C PRO B 16 18.39 -4.58 19.07
N LEU B 17 17.72 -4.97 18.00
CA LEU B 17 16.79 -6.06 18.09
C LEU B 17 17.56 -7.29 18.58
N PRO B 18 17.14 -7.92 19.69
CA PRO B 18 17.91 -9.03 20.25
C PRO B 18 17.91 -10.25 19.32
N SER B 19 19.04 -10.96 19.30
CA SER B 19 19.23 -12.11 18.41
C SER B 19 18.65 -13.41 18.95
N ASN B 20 18.46 -13.50 20.27
CA ASN B 20 18.10 -14.78 20.92
C ASN B 20 19.10 -15.89 20.58
N SER B 21 20.33 -15.51 20.20
CA SER B 21 21.38 -16.46 19.81
C SER B 21 20.99 -17.27 18.58
N ARG B 22 20.14 -16.71 17.72
CA ARG B 22 19.63 -17.39 16.53
C ARG B 22 19.83 -16.47 15.33
N PRO B 23 20.97 -16.53 14.67
CA PRO B 23 21.22 -15.62 13.53
C PRO B 23 20.33 -15.99 12.35
N SER B 24 19.96 -14.97 11.57
CA SER B 24 19.29 -15.25 10.30
C SER B 24 19.52 -14.06 9.38
N ALA B 25 19.24 -14.29 8.09
CA ALA B 25 19.44 -13.25 7.09
C ALA B 25 18.64 -11.99 7.41
N THR B 26 17.40 -12.16 7.89
CA THR B 26 16.58 -11.04 8.36
C THR B 26 17.32 -10.23 9.41
N LEU B 27 17.92 -10.92 10.39
CA LEU B 27 18.59 -10.22 11.47
C LEU B 27 19.87 -9.54 11.00
N ASP B 28 20.60 -10.16 10.05
CA ASP B 28 21.79 -9.50 9.51
C ASP B 28 21.41 -8.17 8.85
N GLU B 29 20.33 -8.15 8.08
CA GLU B 29 19.91 -6.90 7.45
C GLU B 29 19.42 -5.89 8.49
N GLN B 30 18.63 -6.37 9.45
CA GLN B 30 18.11 -5.51 10.50
C GLN B 30 19.25 -4.84 11.26
N ALA B 31 20.24 -5.63 11.70
CA ALA B 31 21.35 -5.08 12.46
C ALA B 31 22.15 -4.07 11.64
N GLU B 32 22.41 -4.38 10.38
CA GLU B 32 23.10 -3.45 9.49
C GLU B 32 22.31 -2.14 9.35
N THR B 33 20.98 -2.23 9.26
CA THR B 33 20.16 -1.05 9.14
C THR B 33 20.13 -0.25 10.44
N GLU B 34 20.07 -0.95 11.57
CA GLU B 34 20.17 -0.27 12.86
C GLU B 34 21.46 0.52 12.97
N ASP B 35 22.58 -0.08 12.57
CA ASP B 35 23.85 0.63 12.57
C ASP B 35 23.77 1.91 11.73
N LEU B 36 23.24 1.80 10.51
CA LEU B 36 23.21 2.94 9.59
C LEU B 36 22.39 4.09 10.15
N ILE B 37 21.19 3.80 10.64
CA ILE B 37 20.29 4.86 11.09
C ILE B 37 20.81 5.48 12.38
N SER B 38 21.18 4.64 13.35
CA SER B 38 21.62 5.16 14.64
C SER B 38 22.92 5.97 14.52
N GLN B 39 23.80 5.60 13.59
CA GLN B 39 25.01 6.40 13.37
C GLN B 39 24.67 7.77 12.82
N LEU B 40 23.67 7.87 11.94
CA LEU B 40 23.28 9.18 11.43
C LEU B 40 22.61 10.02 12.50
N PHE B 41 21.75 9.40 13.33
CA PHE B 41 21.21 10.12 14.49
C PHE B 41 22.32 10.59 15.40
N ASP B 42 23.36 9.77 15.59
CA ASP B 42 24.48 10.14 16.44
C ASP B 42 25.22 11.36 15.93
N LEU B 43 25.26 11.55 14.61
CA LEU B 43 25.94 12.69 13.98
C LEU B 43 25.07 13.95 13.92
N THR B 44 23.82 13.86 14.34
CA THR B 44 22.83 14.91 14.10
C THR B 44 22.38 15.50 15.43
N ALA B 45 22.33 16.83 15.50
CA ALA B 45 21.85 17.47 16.71
C ALA B 45 20.39 17.09 16.94
N ASP B 46 20.09 16.79 18.20
CA ASP B 46 18.72 16.51 18.59
C ASP B 46 17.82 17.68 18.17
N PRO B 47 16.85 17.45 17.27
CA PRO B 47 16.00 18.56 16.80
C PRO B 47 15.24 19.25 17.91
N ASN B 48 15.06 18.60 19.05
CA ASN B 48 14.32 19.21 20.13
C ASN B 48 15.18 20.10 21.01
N ALA B 49 16.49 20.12 20.78
CA ALA B 49 17.42 20.93 21.57
C ALA B 49 17.24 22.42 21.29
N LEU B 50 17.42 23.23 22.35
CA LEU B 50 17.08 24.65 22.28
C LEU B 50 18.08 25.44 21.45
N VAL B 51 19.37 25.12 21.57
CA VAL B 51 20.39 25.68 20.71
C VAL B 51 21.09 24.50 20.03
N SER B 52 21.16 24.54 18.70
CA SER B 52 21.74 23.43 17.94
C SER B 52 23.19 23.18 18.35
N GLU B 53 23.52 21.91 18.57
CA GLU B 53 24.81 21.51 19.14
C GLU B 53 25.94 21.71 18.13
N HIS B 54 27.14 21.95 18.66
CA HIS B 54 28.30 22.28 17.81
C HIS B 54 28.96 21.03 17.27
N GLY B 55 29.38 21.11 16.00
CA GLY B 55 29.91 19.99 15.24
C GLY B 55 28.85 19.09 14.62
N LYS B 56 27.67 18.99 15.22
CA LYS B 56 26.62 18.08 14.77
C LYS B 56 25.91 18.62 13.53
N ARG B 57 25.25 17.72 12.81
CA ARG B 57 24.45 18.11 11.67
C ARG B 57 23.14 18.74 12.14
N TYR B 58 22.71 19.80 11.45
CA TYR B 58 21.43 20.43 11.74
C TYR B 58 20.32 19.73 10.94
N SER B 59 19.27 19.29 11.64
CA SER B 59 18.22 18.45 11.06
C SER B 59 17.06 19.25 10.44
N GLY B 60 17.10 20.58 10.49
CA GLY B 60 15.99 21.35 9.95
C GLY B 60 15.56 20.93 8.56
N LEU B 61 14.26 21.00 8.29
CA LEU B 61 13.73 20.57 7.00
C LEU B 61 14.27 21.48 5.91
N ARG B 62 14.99 20.89 4.95
CA ARG B 62 15.69 21.69 3.95
C ARG B 62 14.77 21.92 2.75
N LYS B 63 13.75 22.76 3.01
CA LYS B 63 12.63 22.91 2.09
C LYS B 63 13.09 23.39 0.72
N GLN B 64 14.07 24.31 0.68
CA GLN B 64 14.53 24.82 -0.61
C GLN B 64 15.34 23.79 -1.37
N GLU B 65 16.11 22.96 -0.67
CA GLU B 65 16.77 21.85 -1.35
C GLU B 65 15.75 20.88 -1.93
N HIS B 66 14.67 20.61 -1.20
CA HIS B 66 13.67 19.67 -1.71
C HIS B 66 12.89 20.27 -2.87
N THR B 67 12.62 21.58 -2.80
CA THR B 67 12.02 22.28 -3.93
C THR B 67 12.88 22.16 -5.17
N GLN B 68 14.19 22.42 -5.02
CA GLN B 68 15.11 22.35 -6.16
C GLN B 68 15.20 20.91 -6.69
N PHE B 69 15.23 19.93 -5.80
CA PHE B 69 15.19 18.53 -6.24
C PHE B 69 13.98 18.27 -7.14
N LEU B 70 12.81 18.75 -6.72
CA LEU B 70 11.60 18.49 -7.48
C LEU B 70 11.55 19.31 -8.76
N ALA B 71 12.14 20.51 -8.76
CA ALA B 71 12.11 21.34 -9.97
C ALA B 71 12.93 20.70 -11.08
N SER B 72 14.14 20.24 -10.74
CA SER B 72 15.07 19.76 -11.75
C SER B 72 14.53 18.54 -12.47
N SER B 73 13.90 17.64 -11.73
CA SER B 73 13.26 16.48 -12.33
C SER B 73 11.91 16.80 -12.96
N PHE B 74 11.34 17.96 -12.65
CA PHE B 74 9.98 18.29 -13.08
C PHE B 74 9.90 18.62 -14.56
N PHE B 75 10.96 19.23 -15.14
CA PHE B 75 10.92 19.66 -16.53
C PHE B 75 11.79 18.85 -17.48
N GLN B 76 12.61 17.93 -16.98
CA GLN B 76 13.34 17.02 -17.86
C GLN B 76 13.86 15.87 -17.02
N LEU B 77 13.58 14.67 -17.47
CA LEU B 77 14.11 13.53 -16.77
C LEU B 77 15.10 12.79 -17.65
N PRO B 78 16.21 12.32 -17.10
CA PRO B 78 17.16 11.53 -17.89
C PRO B 78 16.51 10.27 -18.46
N GLY B 79 17.20 9.68 -19.44
CA GLY B 79 16.71 8.50 -20.13
C GLY B 79 16.44 7.31 -19.23
N LYS B 80 17.10 7.24 -18.08
CA LYS B 80 16.93 6.12 -17.13
C LYS B 80 15.50 6.08 -16.57
N PHE B 81 14.79 7.20 -16.60
CA PHE B 81 13.42 7.24 -16.05
C PHE B 81 12.45 6.52 -16.99
N VAL B 82 12.96 5.96 -18.09
CA VAL B 82 12.09 5.16 -19.00
C VAL B 82 11.34 4.13 -18.16
N SER B 83 12.01 3.58 -17.15
CA SER B 83 11.34 2.55 -16.34
C SER B 83 10.10 3.09 -15.66
N LEU B 84 9.92 4.41 -15.62
CA LEU B 84 8.70 5.04 -15.10
C LEU B 84 7.88 5.70 -16.20
N ASP B 85 8.13 5.32 -17.47
CA ASP B 85 7.39 5.92 -18.56
C ASP B 85 5.90 5.66 -18.46
N ALA B 86 5.52 4.55 -17.83
CA ALA B 86 4.11 4.21 -17.63
C ALA B 86 3.58 4.76 -16.32
N SER B 87 4.37 5.60 -15.64
CA SER B 87 4.03 6.15 -14.33
C SER B 87 4.10 7.68 -14.31
N ARG B 88 4.12 8.33 -15.47
CA ARG B 88 4.35 9.76 -15.49
C ARG B 88 3.29 10.58 -14.74
N PRO B 89 2.01 10.18 -14.69
CA PRO B 89 1.07 10.86 -13.78
C PRO B 89 1.50 10.82 -12.32
N TRP B 90 2.16 9.74 -11.90
CA TRP B 90 2.70 9.68 -10.54
C TRP B 90 3.85 10.66 -10.36
N LEU B 91 4.71 10.77 -11.37
CA LEU B 91 5.77 11.77 -11.32
C LEU B 91 5.16 13.17 -11.16
N VAL B 92 4.05 13.43 -11.84
CA VAL B 92 3.35 14.72 -11.68
C VAL B 92 2.83 14.85 -10.25
N PHE B 93 2.09 13.83 -9.79
CA PHE B 93 1.47 13.90 -8.47
C PHE B 93 2.51 14.02 -7.36
N TRP B 94 3.54 13.18 -7.39
CA TRP B 94 4.56 13.26 -6.37
C TRP B 94 5.16 14.66 -6.32
N THR B 95 5.34 15.27 -7.48
CA THR B 95 5.93 16.61 -7.54
C THR B 95 4.96 17.65 -7.02
N VAL B 96 3.74 17.71 -7.56
CA VAL B 96 2.89 18.85 -7.25
C VAL B 96 2.28 18.74 -5.86
N HIS B 97 2.06 17.52 -5.35
CA HIS B 97 1.63 17.40 -3.96
C HIS B 97 2.75 17.78 -3.00
N SER B 98 3.98 17.36 -3.32
CA SER B 98 5.12 17.75 -2.49
C SER B 98 5.29 19.25 -2.45
N LEU B 99 5.12 19.91 -3.59
CA LEU B 99 5.22 21.37 -3.63
C LEU B 99 4.12 22.02 -2.80
N ASP B 100 2.89 21.48 -2.91
CA ASP B 100 1.82 21.91 -2.02
C ASP B 100 2.20 21.77 -0.55
N LEU B 101 2.71 20.60 -0.16
CA LEU B 101 3.09 20.37 1.24
C LEU B 101 4.20 21.34 1.66
N LEU B 102 5.18 21.55 0.79
CA LEU B 102 6.28 22.47 1.07
C LEU B 102 5.89 23.93 0.99
N GLY B 103 4.66 24.22 0.58
CA GLY B 103 4.18 25.59 0.52
C GLY B 103 4.76 26.41 -0.61
N VAL B 104 5.12 25.77 -1.72
CA VAL B 104 5.71 26.43 -2.89
C VAL B 104 4.67 26.48 -3.98
N ALA B 105 4.36 27.68 -4.46
CA ALA B 105 3.35 27.85 -5.49
C ALA B 105 3.97 27.69 -6.88
N LEU B 106 3.23 27.02 -7.77
CA LEU B 106 3.51 27.07 -9.20
C LEU B 106 2.85 28.31 -9.78
N ASP B 107 3.49 28.92 -10.78
CA ASP B 107 2.81 30.00 -11.50
C ASP B 107 1.77 29.40 -12.46
N GLN B 108 0.89 30.28 -12.94
CA GLN B 108 -0.26 29.80 -13.72
C GLN B 108 0.17 29.11 -14.99
N GLY B 109 1.19 29.65 -15.68
CA GLY B 109 1.71 28.99 -16.85
C GLY B 109 2.17 27.57 -16.58
N THR B 110 2.89 27.37 -15.48
CA THR B 110 3.34 26.01 -15.16
C THR B 110 2.15 25.12 -14.79
N LYS B 111 1.19 25.65 -14.03
CA LYS B 111 -0.02 24.88 -13.74
C LYS B 111 -0.75 24.49 -15.03
N ASP B 112 -0.82 25.42 -16.00
CA ASP B 112 -1.47 25.11 -17.26
C ASP B 112 -0.73 24.01 -18.02
N ARG B 113 0.61 23.99 -17.94
CA ARG B 113 1.35 22.90 -18.55
C ARG B 113 1.01 21.57 -17.89
N VAL B 114 0.88 21.56 -16.56
CA VAL B 114 0.50 20.33 -15.84
C VAL B 114 -0.86 19.85 -16.33
N VAL B 115 -1.83 20.75 -16.40
CA VAL B 115 -3.18 20.38 -16.81
C VAL B 115 -3.16 19.82 -18.23
N SER B 116 -2.46 20.51 -19.14
CA SER B 116 -2.45 20.08 -20.53
C SER B 116 -1.74 18.74 -20.68
N THR B 117 -0.65 18.53 -19.95
CA THR B 117 0.02 17.24 -20.02
C THR B 117 -0.93 16.12 -19.60
N LEU B 118 -1.65 16.32 -18.50
CA LEU B 118 -2.50 15.26 -17.98
C LEU B 118 -3.72 15.02 -18.86
N LEU B 119 -4.29 16.10 -19.43
CA LEU B 119 -5.43 15.91 -20.30
C LEU B 119 -5.06 15.13 -21.56
N HIS B 120 -3.79 15.21 -21.99
CA HIS B 120 -3.38 14.35 -23.10
C HIS B 120 -3.29 12.88 -22.71
N PHE B 121 -3.36 12.56 -21.41
CA PHE B 121 -3.38 11.18 -20.93
C PHE B 121 -4.79 10.61 -20.83
N LEU B 122 -5.81 11.42 -21.10
CA LEU B 122 -7.20 11.04 -20.89
C LEU B 122 -7.77 10.40 -22.15
N SER B 123 -8.23 9.15 -22.03
CA SER B 123 -8.84 8.54 -23.23
C SER B 123 -10.32 8.92 -23.33
N PRO B 124 -10.81 9.20 -24.54
CA PRO B 124 -12.26 9.47 -24.71
C PRO B 124 -13.16 8.33 -24.24
N LYS B 125 -12.69 7.09 -24.34
CA LYS B 125 -13.50 5.96 -23.86
C LYS B 125 -13.48 5.83 -22.34
N GLY B 126 -12.62 6.58 -21.65
CA GLY B 126 -12.67 6.63 -20.21
C GLY B 126 -11.34 6.30 -19.53
N GLY B 127 -10.90 7.21 -18.67
CA GLY B 127 -9.76 6.93 -17.81
C GLY B 127 -8.47 7.56 -18.33
N PHE B 128 -7.53 7.76 -17.41
CA PHE B 128 -6.18 8.21 -17.73
C PHE B 128 -5.23 7.03 -17.79
N GLY B 129 -4.27 7.10 -18.72
CA GLY B 129 -3.15 6.18 -18.73
C GLY B 129 -1.90 6.82 -18.14
N GLY B 130 -0.83 6.03 -18.13
CA GLY B 130 0.45 6.52 -17.64
C GLY B 130 1.20 7.40 -18.60
N GLY B 131 0.61 7.68 -19.76
CA GLY B 131 1.22 8.49 -20.79
C GLY B 131 0.12 8.91 -21.74
N PRO B 132 0.49 9.54 -22.85
CA PRO B 132 -0.54 10.03 -23.79
C PRO B 132 -1.49 8.93 -24.23
N ALA B 133 -2.75 9.32 -24.44
CA ALA B 133 -3.77 8.35 -24.79
C ALA B 133 -3.46 7.62 -26.08
N ASN B 134 -2.67 8.22 -26.98
CA ASN B 134 -2.26 7.54 -28.21
C ASN B 134 -1.15 6.53 -27.98
N SER B 135 -0.67 6.40 -26.75
CA SER B 135 0.45 5.51 -26.46
C SER B 135 0.17 4.50 -25.35
N GLN B 136 -0.79 4.77 -24.46
CA GLN B 136 -1.02 3.92 -23.30
C GLN B 136 -2.51 3.80 -23.05
N ILE B 137 -2.95 2.61 -22.65
CA ILE B 137 -4.36 2.39 -22.32
C ILE B 137 -4.62 2.92 -20.92
N PRO B 138 -5.86 3.20 -20.55
CA PRO B 138 -6.15 3.74 -19.21
C PRO B 138 -5.91 2.71 -18.11
N HIS B 139 -5.65 3.23 -16.92
CA HIS B 139 -5.21 2.40 -15.80
C HIS B 139 -5.70 3.10 -14.54
N LEU B 140 -6.21 2.32 -13.59
CA LEU B 140 -6.80 2.91 -12.38
C LEU B 140 -5.79 3.77 -11.62
N LEU B 141 -4.52 3.40 -11.65
CA LEU B 141 -3.58 4.10 -10.77
C LEU B 141 -3.20 5.46 -11.36
N PRO B 142 -2.79 5.56 -12.64
CA PRO B 142 -2.67 6.89 -13.26
C PRO B 142 -3.94 7.71 -13.21
N THR B 143 -5.11 7.07 -13.17
CA THR B 143 -6.35 7.83 -13.10
C THR B 143 -6.47 8.54 -11.75
N TYR B 144 -6.15 7.85 -10.65
CA TYR B 144 -6.06 8.54 -9.35
C TYR B 144 -5.02 9.64 -9.39
N ALA B 145 -3.81 9.32 -9.85
CA ALA B 145 -2.72 10.32 -9.80
C ALA B 145 -3.05 11.54 -10.67
N SER B 146 -3.69 11.31 -11.82
CA SER B 146 -4.07 12.38 -12.73
C SER B 146 -5.17 13.24 -12.13
N VAL B 147 -6.20 12.60 -11.57
CA VAL B 147 -7.30 13.35 -10.97
C VAL B 147 -6.81 14.19 -9.79
N CYS B 148 -6.00 13.58 -8.92
CA CYS B 148 -5.50 14.35 -7.77
C CYS B 148 -4.60 15.48 -8.23
N SER B 149 -3.77 15.24 -9.24
CA SER B 149 -2.89 16.29 -9.76
C SER B 149 -3.69 17.43 -10.37
N LEU B 150 -4.82 17.11 -11.02
CA LEU B 150 -5.71 18.16 -11.51
C LEU B 150 -6.38 18.90 -10.37
N ALA B 151 -6.69 18.22 -9.26
CA ALA B 151 -7.16 18.95 -8.07
C ALA B 151 -6.11 19.93 -7.56
N ILE B 152 -4.83 19.60 -7.69
CA ILE B 152 -3.77 20.45 -7.15
C ILE B 152 -3.43 21.59 -8.11
N ALA B 153 -3.38 21.31 -9.41
CA ALA B 153 -2.89 22.27 -10.39
C ALA B 153 -3.97 22.91 -11.25
N GLY B 154 -5.19 22.37 -11.26
CA GLY B 154 -6.24 22.85 -12.13
C GLY B 154 -7.16 23.88 -11.46
N ASN B 155 -8.22 24.22 -12.18
CA ASN B 155 -9.16 25.27 -11.76
C ASN B 155 -10.42 25.15 -12.62
N ASP B 156 -11.42 25.98 -12.32
CA ASP B 156 -12.72 25.81 -12.97
C ASP B 156 -12.85 26.57 -14.29
N SER B 157 -11.76 27.13 -14.83
CA SER B 157 -11.84 27.93 -16.04
C SER B 157 -11.87 27.02 -17.26
N SER B 158 -11.78 27.62 -18.46
CA SER B 158 -11.76 26.86 -19.70
C SER B 158 -10.44 26.14 -19.93
N THR B 159 -9.36 26.57 -19.30
CA THR B 159 -8.07 25.91 -19.44
C THR B 159 -7.66 25.14 -18.18
N GLY B 160 -8.58 25.01 -17.21
CA GLY B 160 -8.28 24.50 -15.88
C GLY B 160 -8.39 22.99 -15.72
N GLY B 161 -8.87 22.29 -16.72
CA GLY B 161 -8.93 20.83 -16.67
C GLY B 161 -10.15 20.23 -15.99
N TRP B 162 -10.69 20.92 -15.00
CA TRP B 162 -11.82 20.37 -14.25
C TRP B 162 -13.03 20.20 -15.16
N LYS B 163 -13.27 21.17 -16.05
CA LYS B 163 -14.38 21.06 -17.00
C LYS B 163 -14.25 19.81 -17.85
N ASP B 164 -13.04 19.50 -18.33
CA ASP B 164 -12.82 18.26 -19.09
C ASP B 164 -13.10 17.03 -18.24
N LEU B 165 -12.68 17.06 -16.97
CA LEU B 165 -12.98 15.94 -16.08
C LEU B 165 -14.47 15.75 -15.92
N ALA B 166 -15.21 16.84 -15.71
CA ALA B 166 -16.66 16.74 -15.59
C ALA B 166 -17.28 16.12 -16.83
N ALA B 167 -16.82 16.52 -18.02
CA ALA B 167 -17.35 15.95 -19.25
C ALA B 167 -16.98 14.47 -19.41
N ALA B 168 -15.93 14.03 -18.73
CA ALA B 168 -15.44 12.66 -18.81
C ALA B 168 -16.07 11.74 -17.80
N ARG B 169 -17.03 12.22 -16.99
CA ARG B 169 -17.53 11.43 -15.86
C ARG B 169 -18.16 10.11 -16.32
N GLN B 170 -19.00 10.18 -17.35
CA GLN B 170 -19.67 8.96 -17.82
C GLN B 170 -18.67 7.96 -18.39
N SER B 171 -17.69 8.43 -19.15
CA SER B 171 -16.73 7.51 -19.74
C SER B 171 -15.79 6.94 -18.69
N ILE B 172 -15.38 7.74 -17.71
CA ILE B 172 -14.58 7.22 -16.61
C ILE B 172 -15.36 6.15 -15.86
N TYR B 173 -16.63 6.44 -15.56
CA TYR B 173 -17.50 5.45 -14.93
C TYR B 173 -17.56 4.18 -15.75
N GLU B 174 -17.69 4.30 -17.08
CA GLU B 174 -17.77 3.11 -17.91
C GLU B 174 -16.45 2.33 -17.90
N PHE B 175 -15.33 3.04 -17.82
CA PHE B 175 -14.04 2.38 -17.65
C PHE B 175 -13.99 1.62 -16.34
N PHE B 176 -14.43 2.26 -15.25
CA PHE B 176 -14.48 1.59 -13.95
C PHE B 176 -15.33 0.34 -14.02
N MET B 177 -16.50 0.42 -14.66
CA MET B 177 -17.37 -0.77 -14.74
C MET B 177 -16.74 -1.86 -15.61
N ARG B 178 -16.00 -1.49 -16.67
CA ARG B 178 -15.28 -2.51 -17.44
C ARG B 178 -14.21 -3.19 -16.59
N CYS B 179 -13.64 -2.47 -15.63
CA CYS B 179 -12.64 -3.06 -14.75
C CYS B 179 -13.24 -3.98 -13.70
N LYS B 180 -14.55 -3.89 -13.46
CA LYS B 180 -15.13 -4.55 -12.29
C LYS B 180 -15.23 -6.05 -12.51
N ARG B 181 -14.80 -6.84 -11.48
CA ARG B 181 -14.99 -8.29 -11.37
C ARG B 181 -16.18 -8.60 -10.47
N PRO B 182 -16.88 -9.70 -10.73
CA PRO B 182 -18.05 -10.04 -9.90
C PRO B 182 -17.75 -10.19 -8.42
N ASP B 183 -16.53 -10.61 -8.07
CA ASP B 183 -16.19 -10.83 -6.67
C ASP B 183 -15.91 -9.55 -5.90
N GLY B 184 -15.94 -8.39 -6.56
CA GLY B 184 -15.72 -7.13 -5.90
C GLY B 184 -14.35 -6.52 -6.13
N GLY B 185 -13.45 -7.24 -6.81
CA GLY B 185 -12.20 -6.63 -7.22
C GLY B 185 -12.30 -5.93 -8.57
N PHE B 186 -11.26 -5.16 -8.88
CA PHE B 186 -11.15 -4.47 -10.15
C PHE B 186 -9.80 -4.82 -10.77
N VAL B 187 -9.78 -5.08 -12.07
CA VAL B 187 -8.50 -5.07 -12.80
C VAL B 187 -8.02 -3.62 -12.87
N VAL B 188 -6.70 -3.41 -12.79
CA VAL B 188 -6.17 -2.04 -12.85
C VAL B 188 -6.28 -1.46 -14.25
N CYS B 189 -6.33 -2.32 -15.26
CA CYS B 189 -6.45 -1.95 -16.66
C CYS B 189 -6.94 -3.20 -17.38
N GLU B 190 -7.26 -3.04 -18.65
CA GLU B 190 -7.68 -4.20 -19.44
C GLU B 190 -6.61 -5.28 -19.39
N GLY B 191 -7.00 -6.47 -18.96
CA GLY B 191 -6.08 -7.58 -18.80
C GLY B 191 -5.16 -7.51 -17.60
N GLY B 192 -5.40 -6.58 -16.66
CA GLY B 192 -4.44 -6.29 -15.61
C GLY B 192 -4.74 -6.98 -14.29
N GLU B 193 -3.83 -6.73 -13.33
CA GLU B 193 -3.89 -7.40 -12.04
C GLU B 193 -5.00 -6.80 -11.17
N VAL B 194 -5.44 -7.58 -10.18
CA VAL B 194 -6.54 -7.25 -9.30
C VAL B 194 -6.01 -7.14 -7.86
N ASP B 195 -6.03 -5.93 -7.30
CA ASP B 195 -5.64 -5.78 -5.91
C ASP B 195 -6.21 -4.47 -5.37
N VAL B 196 -6.00 -4.25 -4.07
CA VAL B 196 -6.65 -3.13 -3.41
C VAL B 196 -6.08 -1.79 -3.85
N ARG B 197 -4.93 -1.74 -4.54
CA ARG B 197 -4.48 -0.47 -5.11
C ARG B 197 -5.53 0.05 -6.09
N GLY B 198 -6.04 -0.84 -6.95
CA GLY B 198 -7.05 -0.42 -7.90
C GLY B 198 -8.34 -0.01 -7.22
N THR B 199 -8.78 -0.79 -6.23
CA THR B 199 -9.97 -0.42 -5.46
C THR B 199 -9.80 0.96 -4.84
N TYR B 200 -8.67 1.20 -4.19
CA TYR B 200 -8.45 2.50 -3.57
C TYR B 200 -8.50 3.62 -4.62
N CYS B 201 -7.71 3.47 -5.68
CA CYS B 201 -7.64 4.54 -6.68
C CYS B 201 -9.00 4.80 -7.30
N LEU B 202 -9.76 3.73 -7.58
CA LEU B 202 -11.08 3.86 -8.18
C LEU B 202 -12.05 4.56 -7.23
N LEU B 203 -12.07 4.13 -5.95
CA LEU B 203 -13.01 4.70 -5.00
C LEU B 203 -12.71 6.17 -4.73
N VAL B 204 -11.44 6.54 -4.65
CA VAL B 204 -11.13 7.97 -4.50
C VAL B 204 -11.71 8.75 -5.67
N VAL B 205 -11.41 8.33 -6.90
CA VAL B 205 -11.87 9.08 -8.07
C VAL B 205 -13.39 9.09 -8.14
N ALA B 206 -14.04 7.94 -7.89
CA ALA B 206 -15.49 7.89 -7.96
C ALA B 206 -16.13 8.79 -6.91
N THR B 207 -15.54 8.83 -5.71
CA THR B 207 -16.03 9.73 -4.67
C THR B 207 -15.91 11.18 -5.10
N LEU B 208 -14.74 11.57 -5.62
CA LEU B 208 -14.50 12.97 -5.93
C LEU B 208 -15.34 13.46 -7.11
N LEU B 209 -15.66 12.57 -8.05
CA LEU B 209 -16.33 12.98 -9.28
C LEU B 209 -17.82 12.68 -9.29
N ASP B 210 -18.39 12.21 -8.18
CA ASP B 210 -19.81 11.94 -8.06
C ASP B 210 -20.26 10.92 -9.11
N ILE B 211 -19.59 9.77 -9.14
CA ILE B 211 -19.97 8.72 -10.08
C ILE B 211 -20.07 7.37 -9.37
N ILE B 212 -20.46 7.36 -8.09
CA ILE B 212 -20.68 6.12 -7.35
C ILE B 212 -22.10 5.64 -7.58
N THR B 213 -22.26 4.35 -7.86
CA THR B 213 -23.55 3.69 -8.02
C THR B 213 -23.53 2.37 -7.25
N PRO B 214 -24.71 1.81 -6.94
CA PRO B 214 -24.72 0.47 -6.33
C PRO B 214 -24.01 -0.58 -7.17
N GLU B 215 -24.18 -0.56 -8.50
CA GLU B 215 -23.57 -1.60 -9.32
C GLU B 215 -22.05 -1.49 -9.33
N LEU B 216 -21.53 -0.27 -9.22
CA LEU B 216 -20.09 -0.10 -9.12
C LEU B 216 -19.56 -0.74 -7.84
N LEU B 217 -20.32 -0.66 -6.76
CA LEU B 217 -19.83 -1.03 -5.44
C LEU B 217 -20.12 -2.47 -5.04
N HIS B 218 -20.93 -3.20 -5.79
CA HIS B 218 -21.34 -4.52 -5.33
C HIS B 218 -20.12 -5.41 -5.08
N ASN B 219 -20.05 -5.99 -3.88
CA ASN B 219 -19.02 -6.90 -3.41
C ASN B 219 -17.68 -6.21 -3.18
N VAL B 220 -17.56 -4.92 -3.46
CA VAL B 220 -16.28 -4.24 -3.28
C VAL B 220 -15.87 -4.26 -1.81
N ASP B 221 -16.85 -4.09 -0.91
CA ASP B 221 -16.57 -4.18 0.52
C ASP B 221 -16.08 -5.57 0.92
N LYS B 222 -16.68 -6.63 0.34
CA LYS B 222 -16.29 -7.97 0.73
C LYS B 222 -14.88 -8.31 0.26
N PHE B 223 -14.53 -7.90 -0.97
CA PHE B 223 -13.18 -8.12 -1.46
C PHE B 223 -12.15 -7.50 -0.52
N VAL B 224 -12.39 -6.26 -0.11
CA VAL B 224 -11.43 -5.57 0.75
C VAL B 224 -11.38 -6.21 2.13
N SER B 225 -12.56 -6.47 2.72
CA SER B 225 -12.58 -7.05 4.06
CA SER B 225 -12.58 -7.06 4.05
C SER B 225 -11.80 -8.36 4.11
N ALA B 226 -11.94 -9.20 3.09
CA ALA B 226 -11.23 -10.47 3.10
C ALA B 226 -9.73 -10.33 2.86
N CYS B 227 -9.24 -9.12 2.56
CA CYS B 227 -7.80 -8.92 2.47
C CYS B 227 -7.14 -8.84 3.84
N GLN B 228 -7.89 -8.68 4.92
CA GLN B 228 -7.27 -8.55 6.24
C GLN B 228 -6.68 -9.88 6.67
N THR B 229 -5.44 -9.85 7.16
CA THR B 229 -4.73 -11.07 7.55
C THR B 229 -4.81 -11.25 9.06
N TYR B 230 -4.28 -12.40 9.52
CA TYR B 230 -4.23 -12.69 10.95
C TYR B 230 -3.36 -11.68 11.69
N GLU B 231 -2.45 -10.98 10.99
CA GLU B 231 -1.65 -9.94 11.64
C GLU B 231 -2.42 -8.64 11.86
N GLY B 232 -3.53 -8.42 11.17
CA GLY B 232 -4.37 -7.27 11.37
C GLY B 232 -4.27 -6.24 10.27
N GLY B 233 -3.16 -6.20 9.54
CA GLY B 233 -3.07 -5.44 8.32
C GLY B 233 -3.74 -6.19 7.16
N PHE B 234 -3.54 -5.65 5.97
CA PHE B 234 -4.22 -6.12 4.78
C PHE B 234 -3.23 -6.52 3.71
N ALA B 235 -3.55 -7.62 3.02
CA ALA B 235 -2.81 -8.09 1.88
C ALA B 235 -3.30 -7.38 0.61
N CYS B 236 -2.61 -7.67 -0.50
CA CYS B 236 -2.93 -7.08 -1.79
C CYS B 236 -4.32 -7.47 -2.27
N ALA B 237 -4.76 -8.71 -2.01
CA ALA B 237 -6.01 -9.16 -2.63
C ALA B 237 -6.56 -10.34 -1.84
N SER B 238 -7.83 -10.65 -2.11
CA SER B 238 -8.43 -11.86 -1.59
C SER B 238 -8.87 -12.74 -2.76
N PHE B 239 -8.87 -14.04 -2.53
CA PHE B 239 -9.22 -15.00 -3.57
C PHE B 239 -10.61 -15.54 -3.31
N PRO B 240 -11.50 -15.50 -4.31
CA PRO B 240 -12.87 -15.97 -4.10
C PRO B 240 -12.97 -17.44 -4.47
N PHE B 241 -13.22 -18.27 -3.52
CA PHE B 241 -13.45 -19.68 -3.85
C PHE B 241 -14.93 -19.89 -4.19
N PRO B 242 -15.26 -20.51 -5.31
CA PRO B 242 -16.67 -20.63 -5.70
C PRO B 242 -17.44 -21.55 -4.77
N SER B 243 -18.76 -21.47 -4.85
CA SER B 243 -19.65 -22.29 -4.04
C SER B 243 -19.68 -23.73 -4.55
N GLU B 255 -21.75 -14.81 -3.86
CA GLU B 255 -21.48 -15.95 -4.73
C GLU B 255 -20.41 -16.90 -4.17
N PRO B 256 -19.18 -16.42 -3.90
CA PRO B 256 -18.13 -17.34 -3.48
C PRO B 256 -18.43 -17.97 -2.13
N SER B 257 -17.99 -19.22 -1.96
CA SER B 257 -18.15 -19.89 -0.67
C SER B 257 -17.33 -19.20 0.43
N CYS B 258 -16.11 -18.78 0.10
CA CYS B 258 -15.29 -18.04 1.06
C CYS B 258 -14.25 -17.25 0.31
N ARG B 259 -13.64 -16.29 1.01
CA ARG B 259 -12.58 -15.45 0.46
C ARG B 259 -11.37 -15.54 1.38
N VAL B 260 -10.19 -15.63 0.78
CA VAL B 260 -8.94 -15.86 1.51
C VAL B 260 -7.91 -14.83 1.06
N SER B 261 -7.24 -14.20 2.03
CA SER B 261 -6.18 -13.24 1.74
C SER B 261 -4.98 -13.93 1.08
N MET B 262 -4.33 -13.23 0.15
CA MET B 262 -3.37 -13.86 -0.74
CA MET B 262 -3.38 -13.84 -0.76
C MET B 262 -1.91 -13.56 -0.43
N ALA B 263 -1.62 -12.82 0.63
CA ALA B 263 -0.21 -12.53 0.96
C ALA B 263 -0.17 -11.86 2.33
N GLU B 264 1.00 -11.32 2.67
CA GLU B 264 1.21 -10.67 3.96
C GLU B 264 0.47 -9.35 4.08
N ALA B 265 0.12 -9.00 5.33
CA ALA B 265 -0.23 -7.63 5.65
C ALA B 265 0.93 -6.73 5.29
N HIS B 266 0.65 -5.67 4.53
CA HIS B 266 1.68 -4.78 4.01
C HIS B 266 1.18 -3.34 4.13
N GLY B 267 2.10 -2.44 4.49
CA GLY B 267 1.69 -1.05 4.69
C GLY B 267 1.02 -0.44 3.48
N GLY B 268 1.56 -0.70 2.28
CA GLY B 268 0.93 -0.16 1.08
C GLY B 268 -0.49 -0.64 0.88
N TYR B 269 -0.71 -1.96 1.00
CA TYR B 269 -2.06 -2.47 0.82
C TYR B 269 -2.93 -2.23 2.03
N THR B 270 -2.34 -2.07 3.21
CA THR B 270 -3.15 -1.73 4.39
C THR B 270 -3.67 -0.30 4.28
N SER B 271 -2.83 0.61 3.80
CA SER B 271 -3.29 1.98 3.51
C SER B 271 -4.46 1.96 2.54
N CYS B 272 -4.29 1.27 1.41
CA CYS B 272 -5.34 1.22 0.39
C CYS B 272 -6.61 0.56 0.93
N SER B 273 -6.46 -0.48 1.75
CA SER B 273 -7.63 -1.18 2.28
C SER B 273 -8.36 -0.33 3.30
N LEU B 274 -7.63 0.24 4.28
CA LEU B 274 -8.28 1.12 5.25
C LEU B 274 -8.96 2.28 4.55
N ASN B 275 -8.27 2.90 3.60
CA ASN B 275 -8.84 4.06 2.93
C ASN B 275 -10.06 3.67 2.10
N SER B 276 -9.97 2.54 1.38
CA SER B 276 -11.12 2.06 0.63
C SER B 276 -12.29 1.80 1.54
N HIS B 277 -12.07 1.03 2.61
CA HIS B 277 -13.14 0.73 3.54
C HIS B 277 -13.73 2.02 4.10
N PHE B 278 -12.87 2.96 4.48
CA PHE B 278 -13.38 4.21 5.03
C PHE B 278 -14.27 4.92 4.04
N LEU B 279 -13.85 4.99 2.78
CA LEU B 279 -14.68 5.61 1.75
C LEU B 279 -16.01 4.89 1.61
N LEU B 280 -16.03 3.57 1.78
CA LEU B 280 -17.28 2.83 1.65
C LEU B 280 -18.23 3.09 2.81
N THR B 281 -17.71 3.47 4.00
CA THR B 281 -18.61 3.66 5.13
C THR B 281 -19.54 4.86 4.93
N SER B 282 -19.23 5.73 3.96
CA SER B 282 -20.10 6.86 3.64
C SER B 282 -21.29 6.47 2.77
N VAL B 283 -21.30 5.26 2.22
CA VAL B 283 -22.24 4.89 1.16
C VAL B 283 -23.46 4.27 1.83
N PRO B 284 -24.66 4.81 1.59
CA PRO B 284 -25.88 4.30 2.26
C PRO B 284 -26.49 3.11 1.53
N LEU B 285 -25.78 1.98 1.59
CA LEU B 285 -26.36 0.73 1.11
C LEU B 285 -26.66 -0.18 2.29
N PRO B 286 -27.65 -1.07 2.17
CA PRO B 286 -28.00 -1.93 3.32
C PRO B 286 -26.87 -2.90 3.65
N SER B 287 -26.57 -3.00 4.95
CA SER B 287 -25.57 -3.94 5.47
C SER B 287 -24.24 -3.80 4.74
N PHE B 288 -23.83 -2.55 4.53
CA PHE B 288 -22.68 -2.24 3.70
C PHE B 288 -21.97 -1.05 4.33
N PRO B 289 -20.64 -1.06 4.40
CA PRO B 289 -19.72 -2.11 3.93
C PRO B 289 -19.55 -3.21 4.97
N LEU B 290 -19.27 -4.44 4.53
CA LEU B 290 -18.88 -5.49 5.44
C LEU B 290 -17.77 -5.00 6.35
N SER B 291 -17.89 -5.32 7.64
CA SER B 291 -16.97 -4.76 8.61
C SER B 291 -15.57 -5.35 8.43
N ILE B 292 -14.60 -4.61 8.94
CA ILE B 292 -13.26 -5.10 9.15
C ILE B 292 -13.01 -5.17 10.65
N ASP B 293 -11.87 -5.71 11.02
CA ASP B 293 -11.42 -5.75 12.41
C ASP B 293 -10.54 -4.52 12.61
N ALA B 294 -11.18 -3.41 13.01
CA ALA B 294 -10.48 -2.14 13.15
C ALA B 294 -9.43 -2.18 14.25
N ASN B 295 -9.74 -2.85 15.36
CA ASN B 295 -8.76 -2.95 16.44
C ASN B 295 -7.50 -3.68 15.98
N ALA B 296 -7.66 -4.78 15.23
CA ALA B 296 -6.48 -5.50 14.74
C ALA B 296 -5.69 -4.65 13.74
N ALA B 297 -6.38 -3.88 12.90
CA ALA B 297 -5.68 -2.99 11.98
C ALA B 297 -4.93 -1.89 12.74
N LEU B 298 -5.55 -1.34 13.79
CA LEU B 298 -4.85 -0.33 14.57
C LEU B 298 -3.62 -0.93 15.25
N ARG B 299 -3.77 -2.14 15.80
CA ARG B 299 -2.64 -2.82 16.44
C ARG B 299 -1.52 -3.06 15.44
N TRP B 300 -1.86 -3.59 14.25
CA TRP B 300 -0.83 -3.81 13.24
C TRP B 300 -0.12 -2.51 12.89
N THR B 301 -0.90 -1.44 12.69
CA THR B 301 -0.32 -0.14 12.35
C THR B 301 0.72 0.30 13.37
N VAL B 302 0.36 0.31 14.65
CA VAL B 302 1.28 0.87 15.63
C VAL B 302 2.48 -0.05 15.83
N LEU B 303 2.31 -1.36 15.61
CA LEU B 303 3.42 -2.28 15.75
C LEU B 303 4.47 -2.09 14.67
N GLN B 304 4.12 -1.46 13.55
CA GLN B 304 5.10 -1.23 12.50
C GLN B 304 5.97 0.01 12.74
N GLN B 305 5.78 0.76 13.81
CA GLN B 305 6.70 1.87 14.05
C GLN B 305 7.98 1.35 14.66
N GLY B 306 9.11 1.69 14.02
CA GLY B 306 10.38 1.17 14.43
C GLY B 306 10.85 1.69 15.79
N GLU B 307 11.81 0.96 16.34
CA GLU B 307 12.40 1.25 17.64
C GLU B 307 13.28 2.51 17.55
N PRO B 308 13.66 3.09 18.70
CA PRO B 308 14.54 4.27 18.65
C PRO B 308 15.83 4.04 17.88
N ILE B 309 16.42 2.85 17.94
CA ILE B 309 17.66 2.62 17.21
C ILE B 309 17.46 2.71 15.70
N GLU B 310 16.24 2.48 15.21
CA GLU B 310 15.96 2.64 13.79
C GLU B 310 15.21 3.93 13.51
N GLY B 311 15.30 4.90 14.42
CA GLY B 311 14.84 6.25 14.19
C GLY B 311 13.35 6.47 14.33
N GLY B 312 12.58 5.46 14.74
CA GLY B 312 11.14 5.64 14.82
C GLY B 312 10.42 5.75 13.48
N GLY B 313 11.07 5.41 12.38
CA GLY B 313 10.36 5.28 11.12
C GLY B 313 9.50 4.02 11.10
N PHE B 314 8.61 3.94 10.11
CA PHE B 314 7.72 2.78 9.97
C PHE B 314 8.33 1.77 9.00
N ARG B 315 8.13 0.48 9.32
CA ARG B 315 8.35 -0.59 8.36
C ARG B 315 7.02 -0.92 7.67
N GLY B 316 7.12 -1.65 6.55
CA GLY B 316 5.94 -1.97 5.77
C GLY B 316 5.38 -3.35 6.06
N ARG B 317 6.18 -4.21 6.69
CA ARG B 317 5.66 -5.50 7.13
C ARG B 317 6.59 -6.06 8.19
N THR B 318 6.04 -6.95 9.00
CA THR B 318 6.78 -7.56 10.09
C THR B 318 8.11 -8.11 9.62
N ASN B 319 9.16 -7.83 10.41
CA ASN B 319 10.51 -8.37 10.21
C ASN B 319 11.16 -7.89 8.93
N LYS B 320 10.71 -6.77 8.37
CA LYS B 320 11.41 -6.07 7.30
C LYS B 320 11.91 -4.73 7.83
N LEU B 321 12.46 -3.91 6.95
CA LEU B 321 13.19 -2.71 7.36
C LEU B 321 12.30 -1.47 7.34
N VAL B 322 12.63 -0.51 8.22
CA VAL B 322 11.93 0.77 8.19
C VAL B 322 12.25 1.49 6.89
N ASP B 323 11.34 2.33 6.45
CA ASP B 323 11.44 3.00 5.15
C ASP B 323 10.56 4.24 5.20
N GLY B 324 11.13 5.39 4.85
CA GLY B 324 10.42 6.65 4.94
C GLY B 324 9.11 6.71 4.19
N CYS B 325 8.93 5.92 3.11
CA CYS B 325 7.66 6.02 2.38
C CYS B 325 6.50 5.48 3.20
N TYR B 326 6.76 4.60 4.19
CA TYR B 326 5.71 4.10 5.06
C TYR B 326 5.27 5.11 6.11
N SER B 327 5.95 6.27 6.21
CA SER B 327 5.38 7.35 6.99
C SER B 327 4.00 7.70 6.47
N TRP B 328 3.82 7.71 5.14
CA TRP B 328 2.49 7.92 4.60
C TRP B 328 1.66 6.64 4.63
N TRP B 329 2.18 5.53 4.08
CA TRP B 329 1.33 4.33 3.93
C TRP B 329 0.86 3.82 5.29
N VAL B 330 1.74 3.74 6.27
CA VAL B 330 1.34 3.24 7.57
C VAL B 330 0.93 4.38 8.49
N GLY B 331 1.77 5.42 8.60
CA GLY B 331 1.40 6.55 9.45
C GLY B 331 0.11 7.22 9.03
N GLY B 332 -0.07 7.41 7.72
CA GLY B 332 -1.29 8.03 7.21
C GLY B 332 -2.52 7.15 7.34
N GLY B 333 -2.33 5.84 7.55
CA GLY B 333 -3.46 5.00 7.85
C GLY B 333 -3.91 5.06 9.29
N ALA B 334 -3.04 5.54 10.19
CA ALA B 334 -3.39 5.58 11.61
C ALA B 334 -4.65 6.37 11.90
N PRO B 335 -4.84 7.61 11.41
CA PRO B 335 -6.11 8.31 11.71
C PRO B 335 -7.33 7.56 11.23
N VAL B 336 -7.21 6.84 10.12
CA VAL B 336 -8.33 6.07 9.59
C VAL B 336 -8.65 4.90 10.52
N ALA B 337 -7.62 4.11 10.86
CA ALA B 337 -7.83 3.00 11.80
C ALA B 337 -8.35 3.52 13.13
N GLU B 338 -7.81 4.65 13.60
CA GLU B 338 -8.26 5.20 14.87
C GLU B 338 -9.75 5.56 14.82
N GLU B 339 -10.18 6.20 13.74
CA GLU B 339 -11.59 6.58 13.62
C GLU B 339 -12.49 5.36 13.54
N LEU B 340 -12.08 4.32 12.81
CA LEU B 340 -12.89 3.11 12.75
C LEU B 340 -12.97 2.45 14.12
N VAL B 341 -11.87 2.46 14.88
CA VAL B 341 -11.91 1.95 16.25
C VAL B 341 -12.82 2.82 17.11
N ARG B 342 -12.76 4.15 16.94
CA ARG B 342 -13.67 5.01 17.69
C ARG B 342 -15.13 4.67 17.40
N ARG B 343 -15.45 4.42 16.13
CA ARG B 343 -16.84 4.13 15.75
C ARG B 343 -17.34 2.83 16.38
N GLU B 344 -16.47 1.81 16.45
CA GLU B 344 -16.91 0.56 17.04
C GLU B 344 -17.10 0.70 18.55
N LYS B 345 -16.22 1.44 19.22
CA LYS B 345 -16.41 1.74 20.64
C LYS B 345 -17.76 2.40 20.88
N SER B 346 -18.10 3.41 20.07
CA SER B 346 -19.39 4.08 20.19
C SER B 346 -20.54 3.15 19.84
N ARG B 347 -20.30 2.14 19.01
CA ARG B 347 -21.34 1.19 18.65
C ARG B 347 -21.56 0.13 19.74
N LYS B 348 -20.53 -0.17 20.53
CA LYS B 348 -20.70 -1.09 21.64
C LYS B 348 -21.52 -0.47 22.76
N VAL B 349 -21.35 0.82 23.00
CA VAL B 349 -22.14 1.53 24.00
C VAL B 349 -23.51 1.87 23.42
N ILE B 371 -7.12 12.71 24.91
CA ILE B 371 -6.85 11.50 24.15
C ILE B 371 -5.39 11.48 23.67
N PRO B 372 -4.67 10.41 24.00
CA PRO B 372 -3.25 10.35 23.67
C PRO B 372 -3.04 9.96 22.22
N PRO B 373 -1.95 10.41 21.60
CA PRO B 373 -1.66 10.00 20.22
C PRO B 373 -1.46 8.51 20.13
N ILE B 374 -1.84 7.96 18.98
CA ILE B 374 -1.84 6.52 18.81
C ILE B 374 -0.53 5.96 18.26
N PHE B 375 0.29 6.78 17.63
CA PHE B 375 1.66 6.42 17.31
C PHE B 375 2.56 7.57 17.75
N ASN B 376 3.87 7.32 17.72
CA ASN B 376 4.82 8.32 18.23
C ASN B 376 5.02 9.39 17.17
N ARG B 377 4.19 10.43 17.27
CA ARG B 377 4.23 11.53 16.32
C ARG B 377 5.57 12.26 16.35
N VAL B 378 6.24 12.28 17.50
CA VAL B 378 7.54 12.95 17.58
C VAL B 378 8.60 12.14 16.85
N ALA B 379 8.67 10.83 17.15
CA ALA B 379 9.70 9.99 16.55
C ALA B 379 9.60 9.95 15.03
N LEU B 380 8.37 9.91 14.50
CA LEU B 380 8.23 9.85 13.05
C LEU B 380 8.80 11.11 12.41
N GLN B 381 8.58 12.27 13.03
CA GLN B 381 9.16 13.51 12.50
C GLN B 381 10.68 13.48 12.60
N GLU B 382 11.20 12.97 13.71
CA GLU B 382 12.66 12.83 13.84
C GLU B 382 13.22 11.92 12.75
N PHE B 383 12.55 10.80 12.47
CA PHE B 383 13.00 9.97 11.36
C PHE B 383 13.03 10.79 10.06
N THR B 384 11.97 11.55 9.82
CA THR B 384 11.89 12.31 8.57
C THR B 384 13.03 13.33 8.50
N LEU B 385 13.24 14.09 9.58
CA LEU B 385 14.23 15.17 9.54
C LEU B 385 15.65 14.64 9.56
N VAL B 386 15.93 13.64 10.39
CA VAL B 386 17.30 13.19 10.61
C VAL B 386 17.72 12.18 9.54
N ALA B 387 16.86 11.21 9.22
CA ALA B 387 17.26 10.08 8.39
C ALA B 387 16.77 10.14 6.96
N ALA B 388 15.58 10.69 6.72
CA ALA B 388 14.96 10.59 5.40
C ALA B 388 15.32 11.74 4.47
N GLN B 389 15.89 12.82 4.98
CA GLN B 389 16.38 13.89 4.12
C GLN B 389 17.70 13.50 3.48
N GLN B 390 17.86 13.88 2.22
CA GLN B 390 19.17 13.81 1.59
C GLN B 390 20.16 14.61 2.44
N ASP B 391 21.40 14.13 2.47
CA ASP B 391 22.44 14.83 3.20
C ASP B 391 22.54 16.26 2.69
N PRO B 392 22.77 17.26 3.58
CA PRO B 392 22.70 18.65 3.15
C PRO B 392 23.71 19.07 2.07
N GLY B 393 23.36 20.09 1.27
CA GLY B 393 24.28 20.63 0.26
C GLY B 393 24.44 19.75 -0.97
N SER B 394 23.52 18.81 -1.19
CA SER B 394 23.62 17.92 -2.37
C SER B 394 22.42 18.13 -3.29
N THR B 395 21.76 17.06 -3.69
CA THR B 395 20.65 17.12 -4.67
C THR B 395 19.32 17.46 -4.02
N GLY B 396 19.23 17.35 -2.70
CA GLY B 396 17.92 17.51 -2.05
C GLY B 396 17.09 16.24 -2.23
N GLY B 397 15.83 16.28 -1.81
CA GLY B 397 14.98 15.12 -1.89
C GLY B 397 14.96 14.33 -0.61
N LEU B 398 13.93 13.52 -0.44
CA LEU B 398 13.86 12.61 0.70
C LEU B 398 13.87 11.19 0.18
N ARG B 399 14.15 10.25 1.08
CA ARG B 399 14.61 8.93 0.68
C ARG B 399 14.01 7.87 1.58
N ASP B 400 14.17 6.62 1.15
CA ASP B 400 13.79 5.46 1.92
C ASP B 400 14.54 5.41 3.26
N LYS B 401 15.86 5.43 3.19
CA LYS B 401 16.69 5.35 4.39
C LYS B 401 18.08 5.85 4.01
N PRO B 402 18.95 6.12 4.99
CA PRO B 402 20.32 6.49 4.63
C PRO B 402 20.96 5.41 3.76
N GLY B 403 21.72 5.85 2.75
CA GLY B 403 22.28 4.94 1.77
C GLY B 403 21.42 4.72 0.55
N LYS B 404 20.20 5.24 0.51
CA LYS B 404 19.33 5.14 -0.65
C LYS B 404 19.24 6.51 -1.32
N ARG B 405 19.22 6.53 -2.65
CA ARG B 405 19.08 7.79 -3.36
C ARG B 405 17.67 8.33 -3.17
N PRO B 406 17.52 9.64 -2.96
CA PRO B 406 16.17 10.22 -2.91
C PRO B 406 15.51 10.13 -4.28
N ASP B 407 14.18 10.14 -4.26
CA ASP B 407 13.42 10.16 -5.50
C ASP B 407 12.10 10.86 -5.24
N GLN B 408 11.33 11.08 -6.31
CA GLN B 408 10.08 11.84 -6.17
C GLN B 408 9.09 11.12 -5.29
N TYR B 409 9.01 9.80 -5.43
CA TYR B 409 8.07 8.99 -4.66
C TYR B 409 8.35 9.10 -3.16
N HIS B 410 9.61 8.95 -2.75
CA HIS B 410 9.90 9.03 -1.32
C HIS B 410 9.85 10.45 -0.81
N THR B 411 10.13 11.42 -1.69
CA THR B 411 9.93 12.81 -1.30
C THR B 411 8.48 13.05 -0.94
N CYS B 412 7.56 12.63 -1.82
CA CYS B 412 6.14 12.85 -1.58
C CYS B 412 5.66 12.11 -0.33
N ASN B 413 6.05 10.84 -0.20
CA ASN B 413 5.47 10.05 0.88
C ASN B 413 6.11 10.36 2.23
N ASN B 414 7.41 10.65 2.27
CA ASN B 414 7.98 11.17 3.52
C ASN B 414 7.25 12.42 3.97
N LEU B 415 7.03 13.37 3.06
CA LEU B 415 6.39 14.63 3.45
C LEU B 415 4.94 14.43 3.80
N SER B 416 4.25 13.55 3.07
CA SER B 416 2.85 13.26 3.41
C SER B 416 2.76 12.66 4.80
N GLY B 417 3.63 11.71 5.12
CA GLY B 417 3.64 11.17 6.47
C GLY B 417 4.08 12.19 7.51
N LEU B 418 5.06 13.04 7.17
CA LEU B 418 5.47 14.09 8.10
C LEU B 418 4.29 14.98 8.45
N SER B 419 3.45 15.29 7.46
CA SER B 419 2.29 16.13 7.67
C SER B 419 1.31 15.48 8.63
N ILE B 420 1.05 14.18 8.46
CA ILE B 420 0.18 13.43 9.38
C ILE B 420 0.76 13.44 10.79
N ALA B 421 2.09 13.37 10.91
CA ALA B 421 2.70 13.42 12.23
C ALA B 421 2.59 14.81 12.85
N GLN B 422 2.74 15.87 12.05
CA GLN B 422 2.78 17.22 12.60
C GLN B 422 1.39 17.70 13.03
N HIS B 423 0.36 17.25 12.33
CA HIS B 423 -1.00 17.77 12.48
C HIS B 423 -1.92 16.63 12.89
N LYS B 424 -2.58 16.79 14.04
CA LYS B 424 -3.48 15.74 14.52
C LYS B 424 -4.75 15.76 13.67
N MET B 425 -4.90 14.76 12.80
CA MET B 425 -6.03 14.69 11.91
C MET B 425 -7.07 13.76 12.51
N SER B 426 -8.34 14.18 12.49
CA SER B 426 -9.41 13.28 12.89
C SER B 426 -10.61 13.55 12.00
N HIS B 427 -11.51 12.57 11.95
CA HIS B 427 -12.74 12.68 11.20
C HIS B 427 -13.82 13.11 12.17
N SER B 428 -14.38 14.28 11.94
CA SER B 428 -15.19 14.97 12.94
C SER B 428 -16.68 14.77 12.64
N PRO B 429 -17.43 14.04 13.47
CA PRO B 429 -18.88 13.89 13.23
C PRO B 429 -19.61 15.22 13.21
N SER B 430 -19.22 16.18 14.05
CA SER B 430 -19.90 17.46 14.00
C SER B 430 -19.59 18.21 12.71
N THR B 431 -18.38 18.03 12.17
CA THR B 431 -18.09 18.64 10.86
C THR B 431 -18.91 17.99 9.77
N VAL B 432 -19.02 16.66 9.79
CA VAL B 432 -19.86 15.96 8.82
C VAL B 432 -21.30 16.43 8.96
N SER B 433 -21.79 16.56 10.20
CA SER B 433 -23.14 17.03 10.43
C SER B 433 -23.34 18.44 9.89
N SER B 434 -22.35 19.33 10.10
CA SER B 434 -22.42 20.66 9.54
CA SER B 434 -22.41 20.66 9.53
C SER B 434 -22.39 20.62 8.00
N ASN B 435 -21.60 19.71 7.42
CA ASN B 435 -21.62 19.55 5.98
C ASN B 435 -23.00 19.10 5.49
N ARG B 436 -23.63 18.16 6.19
CA ARG B 436 -24.97 17.72 5.81
C ARG B 436 -25.95 18.89 5.81
N LEU B 437 -25.80 19.80 6.78
CA LEU B 437 -26.70 20.96 6.88
C LEU B 437 -26.55 21.92 5.72
N LYS B 438 -25.38 21.98 5.09
CA LYS B 438 -25.17 22.95 4.04
C LYS B 438 -25.26 22.35 2.64
N PHE B 439 -25.42 21.03 2.55
CA PHE B 439 -25.45 20.39 1.23
C PHE B 439 -26.69 20.81 0.46
N ASP B 440 -26.50 21.15 -0.80
CA ASP B 440 -27.59 21.49 -1.73
C ASP B 440 -27.78 20.35 -2.72
N ALA B 441 -28.72 19.45 -2.42
CA ALA B 441 -29.00 18.31 -3.28
C ALA B 441 -29.62 18.70 -4.62
N SER B 442 -30.08 19.95 -4.78
CA SER B 442 -30.65 20.36 -6.05
C SER B 442 -29.59 20.80 -7.06
N LYS B 443 -28.34 20.96 -6.64
CA LYS B 443 -27.24 21.24 -7.55
C LYS B 443 -26.44 19.97 -7.78
N GLY B 444 -25.97 19.78 -9.02
CA GLY B 444 -25.18 18.61 -9.34
C GLY B 444 -25.03 18.39 -10.83
N LEU B 445 -24.08 17.56 -11.21
CA LEU B 445 -23.87 17.20 -12.61
C LEU B 445 -24.82 16.07 -12.98
N PRO B 446 -24.95 15.75 -14.26
CA PRO B 446 -25.89 14.68 -14.66
C PRO B 446 -25.54 13.37 -13.98
N ALA B 447 -26.58 12.67 -13.52
CA ALA B 447 -26.40 11.33 -12.98
C ALA B 447 -25.73 10.43 -14.00
N VAL B 448 -24.87 9.52 -13.54
CA VAL B 448 -24.31 8.56 -14.46
C VAL B 448 -25.42 7.62 -14.90
N LYS B 449 -25.26 7.09 -16.11
CA LYS B 449 -26.17 6.10 -16.64
C LYS B 449 -25.56 4.73 -16.38
N PRO B 450 -26.17 3.89 -15.55
CA PRO B 450 -25.54 2.61 -15.19
C PRO B 450 -25.44 1.71 -16.41
N VAL B 451 -24.49 0.77 -16.35
CA VAL B 451 -24.34 -0.17 -17.46
C VAL B 451 -25.48 -1.17 -17.45
N ALA B 452 -25.95 -1.56 -16.27
CA ALA B 452 -27.09 -2.46 -16.17
C ALA B 452 -28.34 -1.67 -15.82
N PRO B 453 -29.49 -2.06 -16.36
CA PRO B 453 -30.71 -1.27 -16.17
C PRO B 453 -31.04 -0.96 -14.73
N GLY B 454 -30.90 -1.92 -13.82
CA GLY B 454 -31.19 -1.68 -12.42
C GLY B 454 -29.96 -1.41 -11.56
N GLY B 455 -28.87 -0.96 -12.18
CA GLY B 455 -27.61 -0.75 -11.48
C GLY B 455 -27.43 0.58 -10.80
N GLY B 456 -28.35 1.52 -11.00
CA GLY B 456 -28.27 2.83 -10.38
C GLY B 456 -28.98 2.87 -9.04
N TRP B 457 -29.09 4.08 -8.49
CA TRP B 457 -29.85 4.27 -7.26
C TRP B 457 -31.34 4.12 -7.55
N LYS B 458 -32.07 3.66 -6.53
CA LYS B 458 -33.50 3.35 -6.71
C LYS B 458 -34.28 4.57 -7.16
N ASN B 459 -34.00 5.73 -6.59
CA ASN B 459 -34.74 6.94 -6.90
C ASN B 459 -33.89 8.15 -6.51
N GLU B 460 -34.44 9.35 -6.77
CA GLU B 460 -33.68 10.56 -6.48
C GLU B 460 -33.52 10.78 -4.99
N ASP B 461 -34.48 10.37 -4.17
CA ASP B 461 -34.31 10.45 -2.73
C ASP B 461 -33.05 9.69 -2.30
N GLU B 462 -32.91 8.46 -2.78
CA GLU B 462 -31.77 7.64 -2.40
C GLU B 462 -30.48 8.14 -3.02
N ARG B 463 -30.53 8.56 -4.28
CA ARG B 463 -29.31 9.06 -4.92
C ARG B 463 -28.82 10.33 -4.24
N GLN B 464 -29.73 11.25 -3.95
CA GLN B 464 -29.34 12.51 -3.32
C GLN B 464 -28.83 12.27 -1.90
N ASN B 465 -29.47 11.35 -1.16
CA ASN B 465 -28.95 11.01 0.15
C ASN B 465 -27.54 10.44 0.06
N ALA B 466 -27.30 9.60 -0.96
CA ALA B 466 -25.94 9.09 -1.18
C ALA B 466 -24.97 10.22 -1.51
N ARG B 467 -25.35 11.11 -2.44
CA ARG B 467 -24.48 12.24 -2.76
C ARG B 467 -24.15 13.04 -1.51
N ARG B 468 -25.16 13.30 -0.67
CA ARG B 468 -24.95 14.10 0.54
C ARG B 468 -24.00 13.39 1.50
N GLU B 469 -24.23 12.10 1.76
CA GLU B 469 -23.39 11.36 2.71
C GLU B 469 -21.95 11.28 2.22
N ILE B 470 -21.78 11.03 0.92
CA ILE B 470 -20.45 10.80 0.38
C ILE B 470 -19.65 12.09 0.36
N TRP B 471 -20.27 13.16 -0.17
CA TRP B 471 -19.65 14.47 -0.12
C TRP B 471 -19.39 14.93 1.30
N ALA B 472 -20.37 14.76 2.20
CA ALA B 472 -20.22 15.34 3.53
C ALA B 472 -19.11 14.64 4.32
N ASN B 473 -18.98 13.33 4.14
CA ASN B 473 -17.92 12.61 4.83
C ASN B 473 -16.56 12.82 4.18
N ALA B 474 -16.52 12.99 2.86
CA ALA B 474 -15.25 13.28 2.21
C ALA B 474 -14.64 14.55 2.77
N LEU B 475 -15.48 15.49 3.21
CA LEU B 475 -15.05 16.76 3.77
C LEU B 475 -15.07 16.76 5.29
N GLY B 476 -15.01 15.58 5.90
CA GLY B 476 -15.08 15.44 7.35
C GLY B 476 -13.77 15.47 8.10
N TRP B 477 -12.63 15.45 7.41
CA TRP B 477 -11.35 15.44 8.11
C TRP B 477 -10.99 16.85 8.56
N ILE B 478 -10.57 16.97 9.81
CA ILE B 478 -10.14 18.25 10.36
C ILE B 478 -8.78 18.08 11.00
N GLU B 479 -8.05 19.19 11.07
CA GLU B 479 -6.90 19.27 11.95
C GLU B 479 -7.39 19.74 13.30
N GLU B 480 -7.04 19.02 14.36
CA GLU B 480 -7.54 19.36 15.68
C GLU B 480 -6.80 20.58 16.22
N GLU B 481 -7.56 21.61 16.62
CA GLU B 481 -6.94 22.81 17.16
C GLU B 481 -6.15 22.46 18.40
N GLY B 482 -4.93 23.00 18.48
CA GLY B 482 -4.04 22.69 19.57
C GLY B 482 -3.33 21.36 19.46
N GLY B 483 -3.61 20.56 18.42
CA GLY B 483 -2.97 19.28 18.28
C GLY B 483 -1.66 19.29 17.56
N GLU B 484 -1.21 20.46 17.10
CA GLU B 484 0.02 20.55 16.32
C GLU B 484 1.23 20.17 17.17
N ILE B 485 2.13 19.39 16.58
CA ILE B 485 3.44 19.10 17.15
C ILE B 485 4.44 19.30 16.03
N ILE B 486 5.20 20.39 16.08
CA ILE B 486 6.20 20.63 15.06
C ILE B 486 7.59 20.42 15.65
N VAL B 487 8.10 19.19 15.52
CA VAL B 487 9.43 18.87 16.01
C VAL B 487 10.46 19.77 15.32
N GLY B 488 11.33 20.37 16.12
CA GLY B 488 12.41 21.20 15.60
C GLY B 488 12.07 22.66 15.38
N GLY B 489 10.85 23.07 15.70
CA GLY B 489 10.45 24.46 15.56
C GLY B 489 9.61 24.71 14.32
N LYS B 490 8.99 25.89 14.31
CA LYS B 490 7.90 26.15 13.38
C LYS B 490 8.36 26.25 11.93
N ASP B 491 9.65 26.51 11.68
CA ASP B 491 10.13 26.49 10.31
C ASP B 491 10.10 25.08 9.70
N ASN B 492 9.93 24.04 10.51
CA ASN B 492 9.78 22.71 9.94
C ASN B 492 8.35 22.40 9.53
N ARG B 493 7.39 23.27 9.85
CA ARG B 493 6.00 22.96 9.62
C ARG B 493 5.71 22.87 8.12
N ILE B 494 5.00 21.83 7.72
CA ILE B 494 4.48 21.78 6.36
C ILE B 494 2.96 21.80 6.42
N ASN B 495 2.34 21.91 5.25
CA ASN B 495 0.89 22.03 5.20
C ASN B 495 0.24 20.70 5.56
N THR B 496 -1.05 20.80 5.80
CA THR B 496 -1.87 19.71 6.31
C THR B 496 -2.42 18.91 5.14
N THR B 497 -2.06 17.64 5.05
CA THR B 497 -2.67 16.78 4.03
C THR B 497 -3.92 16.12 4.59
N THR B 498 -4.77 15.62 3.67
CA THR B 498 -6.00 14.99 4.13
C THR B 498 -5.80 13.49 4.18
N PRO B 499 -6.13 12.82 5.28
CA PRO B 499 -6.13 11.35 5.26
C PRO B 499 -7.07 10.84 4.17
N VAL B 500 -6.82 9.60 3.73
CA VAL B 500 -7.61 8.89 2.72
C VAL B 500 -7.28 9.42 1.32
N PHE B 501 -7.41 10.73 1.10
CA PHE B 501 -7.18 11.30 -0.23
C PHE B 501 -5.71 11.63 -0.48
N ASN B 502 -5.02 12.16 0.54
CA ASN B 502 -3.63 12.65 0.43
C ASN B 502 -3.50 13.82 -0.54
N ILE B 503 -4.44 14.76 -0.51
CA ILE B 503 -4.21 16.10 -1.02
C ILE B 503 -4.58 17.09 0.06
N LEU B 504 -4.03 18.30 -0.04
CA LEU B 504 -4.38 19.33 0.93
C LEU B 504 -5.88 19.57 0.95
N GLY B 505 -6.41 19.85 2.14
CA GLY B 505 -7.82 20.17 2.25
C GLY B 505 -8.20 21.37 1.41
N LEU B 506 -7.31 22.35 1.29
CA LEU B 506 -7.59 23.52 0.47
C LEU B 506 -7.60 23.18 -1.02
N ARG B 507 -7.14 21.99 -1.40
CA ARG B 507 -7.37 21.49 -2.76
C ARG B 507 -8.63 20.63 -2.83
N LEU B 508 -8.79 19.74 -1.85
CA LEU B 508 -9.92 18.82 -1.84
C LEU B 508 -11.25 19.57 -1.84
N LYS B 509 -11.39 20.58 -0.99
CA LYS B 509 -12.68 21.25 -0.85
C LYS B 509 -13.16 21.86 -2.16
N PRO B 510 -12.42 22.77 -2.82
CA PRO B 510 -12.95 23.36 -4.06
C PRO B 510 -13.08 22.35 -5.19
N PHE B 511 -12.26 21.29 -5.19
CA PHE B 511 -12.34 20.26 -6.22
C PHE B 511 -13.61 19.44 -6.09
N ILE B 512 -13.85 18.85 -4.92
CA ILE B 512 -15.05 18.05 -4.80
C ILE B 512 -16.30 18.95 -4.85
N ASN B 513 -16.19 20.21 -4.39
CA ASN B 513 -17.33 21.11 -4.52
C ASN B 513 -17.65 21.38 -5.99
N TYR B 514 -16.63 21.47 -6.83
CA TYR B 514 -16.88 21.67 -8.25
C TYR B 514 -17.73 20.54 -8.83
N PHE B 515 -17.33 19.29 -8.58
CA PHE B 515 -18.04 18.20 -9.21
C PHE B 515 -19.39 17.92 -8.59
N TYR B 516 -19.61 18.31 -7.33
CA TYR B 516 -20.94 18.21 -6.74
C TYR B 516 -21.72 19.51 -6.87
N CYS B 517 -21.14 20.52 -7.51
CA CYS B 517 -21.80 21.82 -7.74
C CYS B 517 -22.19 22.51 -6.43
N GLN B 518 -21.33 22.39 -5.42
CA GLN B 518 -21.55 23.05 -4.15
C GLN B 518 -20.68 24.31 -4.05
N GLU B 519 -21.11 25.23 -3.21
CA GLU B 519 -20.35 26.49 -3.05
C GLU B 519 -20.75 27.26 -1.78
N MET C 4 10.77 3.34 -7.36
CA MET C 4 9.46 4.00 -7.24
C MET C 4 8.37 3.11 -7.85
N ILE C 5 8.51 1.79 -7.70
CA ILE C 5 7.64 0.82 -8.37
C ILE C 5 6.43 0.59 -7.48
N ILE C 6 5.38 1.39 -7.70
CA ILE C 6 4.09 1.16 -7.06
C ILE C 6 3.02 0.79 -8.07
N MET C 7 3.37 0.71 -9.36
CA MET C 7 2.47 0.20 -10.39
C MET C 7 3.26 -0.47 -11.52
#